data_8IBV
#
_entry.id   8IBV
#
loop_
_entity.id
_entity.type
_entity.pdbx_description
1 polymer 'Soluble cytochrome b562,Motilin receptor,Soluble cytochrome b562, motilin receptor'
2 polymer Motilin
3 polymer 'Guanine nucleotide-binding protein G(q) subunit alpha'
4 polymer 'Guanine nucleotide-binding protein G(I)/G(S)/G(T) subunit beta-1'
5 polymer Scfv16
6 polymer 'Guanine nucleotide-binding protein G(I)/G(S)/G(O) subunit gamma-2'
#
loop_
_entity_poly.entity_id
_entity_poly.type
_entity_poly.pdbx_seq_one_letter_code
_entity_poly.pdbx_strand_id
1 'polypeptide(L)'
;MKTIIALSYIFCLVFADYKDDDDAKLQTMHHHHHHHHHHADLEDNWETLNDNLKVIEKADNAAQVKDALTKMRAAALDAQ
KATPPKLEDKSPDSPEMKDFRHGFDILVGQIDDALKLANEGKVKEAQAAAEQLKTTRNAYIQKYLASENLYFQGGTMGSP
WNGSDGPEGAREPPWPALPPCDERRCSPFPLGALVPVTAVCLCLFVVGVSGNVVTVMLIGRYRDMRTTTNLYLGSMAVSD
LLILLGLPFDLYRLWRSRPWVFGPLLCRLSLYVGEGCTYATLLHMTALSVERYLAICRPLRARVLVTRRRVRALIAVLWA
VALLSAGPFLFLVGVEQDPGISVVPGLNGTARIASSPLASSPPLWLSRAPPPSPPSGPETAEAAALFSRECRPSPAQLGA
LRVMLWVTTAYFFLPFLCLSILYGLIGRELWSSRRPLRGPAASGRERGHRQTVRVLLVVVLAFIICWLPFHVGRIIYINT
EDSRMMYFSQYFNIVALQLFYLSASINPILYNLISKKYRAAAFKLLLARKSRPRGFHRSRDTAGEVAGDTGGDTVGYTET
SANVKTMGGSSGGGGSGGGGSSGVFTLEDFVGDWEQTAAYNLDQVLEQGGVSSLLQNLAVSVTPIQRIVRSGENALKIDI
HVIIPYEGLSADQMAQIEEVFKVVYPVDDHHFKVILPYGTLVIDGVTPNMLNYFGRPYEGIAVFDGKKITVTGTLWNGNK
IIDERLITPDGSMLFRVTINS
;
R
2 'polypeptide(L)' FVPIFTYGELQRMQEKERNKGQ C
3 'polypeptide(L)'
;MGCTLSAEDKAAVERSKMIEKQLQKDKQVYRRTLRLLLLGADNSGKSTIVKQMRIYHVNGYSEEECKQYKAVVYSNTIQS
IIAIIRAMGRLKIDFGDSARADDARQLFVLAGAAEEGFMTAELAGVIKRLWKDSGVQACFNRSREYQLNDSAAYYLNDLD
RIAQPNYIPTQQDVLRTRVKTSGIFETKFQVDKVNFHMFDVGAQRDERRKWIQCFNDVTAIIFVVDSSDYNRLQEALNDF
KSIWNNRWLRTISVILFLNKQDLLAEKVLAGKSKIEDYFPEFARYTTPEDATPEPGEDPRVTRAKYFIRKEFVDISTASG
DGRHICYPHFTCSVDTENARRIFNDCKDIILQMNLREYNLV
;
A
4 'polypeptide(L)'
;MGSLLQSELDQLRQEAEQLKNQIRDARKACADATLSQITNNIDPVGRIQMRTRRTLRGHLAKIYAMHWGTDSRLLVSASQ
DGKLIIWDSYTTNKVHAIPLRSSWVMTCAYAPSGNYVACGGLDNICSIYNLKTREGNVRVSRELAGHTGYLSCCRFLDDN
QIVTSSGDTTCALWDIETGQQTTTFTGHTGDVMSLSLAPDTRLFVSGACDASAKLWDVREGMCRQTFTGHESDINAICFF
PNGNAFATGSDDATCRLFDLRADQELMTYSHDNIICGITSVSFSKSGRLLLAGYDDFNCNVWDALKADRAGVLAGHDNRV
SCLGVTDDGMAVATGSWDSFLKIWNGSSGGGGSGGGGSSGVSGWRLFKKIS
;
B
5 'polypeptide(L)'
;VQLVESGGGLVQPGGSRKLSCSASGFAFSSFGMHWVRQAPEKGLEWVAYISSGSGTIYYADTVKGRFTISRDDPKNTLFL
QMTSLRSEDTAMYYCVRSIYYYGSSPFDFWGQGTTLTVSAGGGGSGGGGSGGGGSADIVMTQATSSVPVTPGESVSISCR
SSKSLLHSNGNTYLYWFLQRPGQSPQLLIYRMSNLASGVPDRFSGSGSGTAFTLTISRLEAEDVGVYYCMQHLEYPLTFG
AGTKLEL
;
E
6 'polypeptide(L)' ASNNTASIAQARKLVEQLKMEANIDRIKVSKAAADLMAYCEAHAKEDPLLTPVPASENPFREKKFFCAIL G
#
# COMPACT_ATOMS: atom_id res chain seq x y z
N CYS A 186 0.31 -2.10 -69.82
CA CYS A 186 -0.57 -1.47 -68.82
C CYS A 186 -0.62 -2.31 -67.56
N SER A 187 0.10 -1.97 -66.48
CA SER A 187 0.01 -2.67 -65.22
C SER A 187 0.27 -1.68 -64.10
N PRO A 188 -0.34 -1.87 -62.92
CA PRO A 188 -0.14 -0.93 -61.81
C PRO A 188 1.23 -1.12 -61.17
N PHE A 189 2.00 -0.03 -61.13
CA PHE A 189 3.33 -0.05 -60.52
C PHE A 189 4.16 -1.18 -61.10
N PRO A 190 4.60 -1.07 -62.35
CA PRO A 190 5.34 -2.16 -62.99
C PRO A 190 6.58 -2.56 -62.18
N LEU A 191 7.18 -3.67 -62.59
CA LEU A 191 8.30 -4.23 -61.86
C LEU A 191 9.49 -3.29 -61.80
N GLY A 192 9.53 -2.27 -62.66
CA GLY A 192 10.67 -1.36 -62.66
C GLY A 192 10.89 -0.69 -61.31
N ALA A 193 9.80 -0.24 -60.68
CA ALA A 193 9.88 0.43 -59.38
C ALA A 193 9.21 -0.33 -58.26
N LEU A 194 8.68 -1.53 -58.52
CA LEU A 194 7.93 -2.26 -57.50
C LEU A 194 8.86 -3.05 -56.58
N VAL A 195 10.01 -3.49 -57.08
CA VAL A 195 10.93 -4.32 -56.30
C VAL A 195 11.51 -3.51 -55.15
N PRO A 196 12.00 -2.29 -55.38
CA PRO A 196 12.49 -1.48 -54.25
C PRO A 196 11.39 -1.18 -53.24
N VAL A 197 10.16 -0.92 -53.71
CA VAL A 197 9.06 -0.66 -52.79
C VAL A 197 8.81 -1.88 -51.91
N THR A 198 8.76 -3.07 -52.52
CA THR A 198 8.54 -4.28 -51.74
C THR A 198 9.68 -4.50 -50.75
N ALA A 199 10.91 -4.25 -51.17
CA ALA A 199 12.05 -4.45 -50.28
C ALA A 199 11.98 -3.53 -49.08
N VAL A 200 11.73 -2.24 -49.31
CA VAL A 200 11.66 -1.29 -48.20
C VAL A 200 10.46 -1.61 -47.31
N CYS A 201 9.35 -2.06 -47.90
CA CYS A 201 8.20 -2.43 -47.09
C CYS A 201 8.52 -3.61 -46.18
N LEU A 202 9.19 -4.63 -46.72
CA LEU A 202 9.55 -5.78 -45.90
C LEU A 202 10.53 -5.37 -44.79
N CYS A 203 11.50 -4.51 -45.12
CA CYS A 203 12.46 -4.07 -44.12
C CYS A 203 11.76 -3.32 -42.99
N LEU A 204 10.90 -2.36 -43.35
CA LEU A 204 10.18 -1.60 -42.33
C LEU A 204 9.28 -2.50 -41.50
N PHE A 205 8.64 -3.48 -42.15
CA PHE A 205 7.79 -4.43 -41.42
C PHE A 205 8.61 -5.20 -40.40
N VAL A 206 9.77 -5.73 -40.81
CA VAL A 206 10.61 -6.49 -39.90
C VAL A 206 11.05 -5.61 -38.73
N VAL A 207 11.49 -4.38 -39.03
CA VAL A 207 11.98 -3.49 -37.98
C VAL A 207 10.86 -3.18 -36.99
N GLY A 208 9.68 -2.84 -37.51
CA GLY A 208 8.57 -2.51 -36.62
C GLY A 208 8.12 -3.69 -35.79
N VAL A 209 8.09 -4.88 -36.39
CA VAL A 209 7.71 -6.07 -35.64
C VAL A 209 8.69 -6.34 -34.52
N SER A 210 9.99 -6.25 -34.82
CA SER A 210 11.00 -6.47 -33.79
C SER A 210 10.85 -5.44 -32.66
N GLY A 211 10.68 -4.17 -33.03
CA GLY A 211 10.55 -3.14 -32.00
C GLY A 211 9.32 -3.33 -31.13
N ASN A 212 8.18 -3.64 -31.76
CA ASN A 212 6.96 -3.85 -30.99
C ASN A 212 7.07 -5.07 -30.08
N VAL A 213 7.68 -6.15 -30.58
CA VAL A 213 7.85 -7.34 -29.74
C VAL A 213 8.73 -7.03 -28.56
N VAL A 214 9.85 -6.32 -28.79
CA VAL A 214 10.74 -5.98 -27.69
C VAL A 214 10.03 -5.11 -26.67
N THR A 215 9.27 -4.12 -27.14
CA THR A 215 8.56 -3.23 -26.23
C THR A 215 7.53 -4.00 -25.40
N VAL A 216 6.74 -4.86 -26.05
CA VAL A 216 5.73 -5.62 -25.33
C VAL A 216 6.38 -6.53 -24.30
N MET A 217 7.50 -7.17 -24.68
CA MET A 217 8.18 -8.07 -23.75
C MET A 217 8.72 -7.30 -22.55
N LEU A 218 9.36 -6.15 -22.78
CA LEU A 218 9.89 -5.37 -21.68
C LEU A 218 8.78 -4.82 -20.79
N ILE A 219 7.61 -4.53 -21.36
CA ILE A 219 6.52 -4.00 -20.56
C ILE A 219 5.84 -5.10 -19.75
N GLY A 220 5.74 -6.30 -20.31
CA GLY A 220 5.04 -7.38 -19.65
C GLY A 220 5.89 -8.12 -18.62
N ARG A 221 7.15 -8.39 -18.96
CA ARG A 221 8.00 -9.16 -18.06
C ARG A 221 8.32 -8.38 -16.79
N TYR A 222 8.54 -7.08 -16.91
CA TYR A 222 8.92 -6.23 -15.79
C TYR A 222 7.71 -5.47 -15.28
N ARG A 223 7.54 -5.44 -13.95
CA ARG A 223 6.41 -4.74 -13.35
C ARG A 223 6.65 -3.24 -13.28
N ASP A 224 7.88 -2.83 -12.97
CA ASP A 224 8.19 -1.41 -12.87
C ASP A 224 8.02 -0.69 -14.21
N MET A 225 7.98 -1.43 -15.33
CA MET A 225 7.79 -0.85 -16.64
C MET A 225 6.31 -0.81 -17.06
N ARG A 226 5.40 -0.75 -16.10
CA ARG A 226 3.96 -0.75 -16.36
C ARG A 226 3.32 0.54 -15.86
N THR A 227 4.03 1.66 -16.00
CA THR A 227 3.49 2.94 -15.60
C THR A 227 2.47 3.44 -16.63
N THR A 228 1.89 4.60 -16.35
CA THR A 228 0.89 5.16 -17.25
C THR A 228 1.48 5.41 -18.63
N THR A 229 2.60 6.15 -18.69
CA THR A 229 3.25 6.38 -19.97
C THR A 229 3.69 5.07 -20.61
N ASN A 230 4.20 4.14 -19.80
CA ASN A 230 4.59 2.84 -20.34
C ASN A 230 3.39 2.07 -20.86
N LEU A 231 2.25 2.17 -20.18
CA LEU A 231 1.04 1.51 -20.70
C LEU A 231 0.61 2.13 -22.02
N TYR A 232 0.65 3.46 -22.13
CA TYR A 232 0.34 4.11 -23.40
C TYR A 232 1.27 3.62 -24.50
N LEU A 233 2.58 3.56 -24.21
CA LEU A 233 3.54 3.13 -25.21
C LEU A 233 3.30 1.68 -25.61
N GLY A 234 2.97 0.82 -24.65
CA GLY A 234 2.70 -0.57 -24.97
C GLY A 234 1.45 -0.73 -25.82
N SER A 235 0.39 0.01 -25.50
CA SER A 235 -0.81 -0.03 -26.31
C SER A 235 -0.55 0.47 -27.72
N MET A 236 0.23 1.54 -27.85
CA MET A 236 0.56 2.05 -29.17
C MET A 236 1.39 1.06 -29.96
N ALA A 237 2.33 0.38 -29.29
CA ALA A 237 3.14 -0.62 -29.97
C ALA A 237 2.28 -1.81 -30.41
N VAL A 238 1.32 -2.21 -29.58
CA VAL A 238 0.43 -3.30 -29.96
C VAL A 238 -0.40 -2.89 -31.18
N SER A 239 -0.90 -1.66 -31.18
CA SER A 239 -1.66 -1.17 -32.32
C SER A 239 -0.80 -1.17 -33.59
N ASP A 240 0.43 -0.68 -33.49
CA ASP A 240 1.32 -0.66 -34.64
C ASP A 240 1.60 -2.07 -35.14
N LEU A 241 1.83 -3.01 -34.22
CA LEU A 241 2.07 -4.39 -34.63
C LEU A 241 0.85 -4.96 -35.34
N LEU A 242 -0.35 -4.69 -34.82
CA LEU A 242 -1.55 -5.11 -35.52
C LEU A 242 -1.64 -4.48 -36.91
N ILE A 243 -1.16 -3.26 -37.06
CA ILE A 243 -1.11 -2.62 -38.38
C ILE A 243 -0.08 -3.33 -39.25
N LEU A 244 1.08 -3.67 -38.67
CA LEU A 244 2.11 -4.34 -39.45
C LEU A 244 1.65 -5.71 -39.94
N LEU A 245 0.78 -6.39 -39.18
CA LEU A 245 0.24 -7.67 -39.61
C LEU A 245 -0.60 -7.56 -40.87
N GLY A 246 -0.96 -6.31 -41.25
CA GLY A 246 -1.66 -6.04 -42.49
C GLY A 246 -0.76 -5.82 -43.68
N LEU A 247 0.51 -5.53 -43.49
CA LEU A 247 1.44 -5.41 -44.61
C LEU A 247 1.46 -6.65 -45.42
N PRO A 248 1.48 -7.82 -44.79
CA PRO A 248 1.41 -8.99 -45.64
C PRO A 248 0.28 -8.95 -46.63
N PHE A 249 -0.93 -8.71 -46.18
CA PHE A 249 -2.05 -8.79 -47.10
C PHE A 249 -2.01 -7.70 -48.13
N ASP A 250 -1.59 -6.50 -47.74
CA ASP A 250 -1.59 -5.36 -48.63
C ASP A 250 -0.51 -5.52 -49.62
N LEU A 251 0.58 -6.17 -49.24
CA LEU A 251 1.62 -6.37 -50.22
C LEU A 251 1.03 -7.27 -51.30
N TYR A 252 0.18 -8.19 -50.94
CA TYR A 252 -0.46 -9.00 -51.95
C TYR A 252 -1.49 -8.23 -52.84
N ARG A 253 -2.24 -7.25 -52.33
CA ARG A 253 -3.20 -6.49 -53.09
C ARG A 253 -2.53 -5.71 -54.14
N LEU A 254 -1.48 -5.02 -53.78
CA LEU A 254 -0.79 -4.15 -54.71
C LEU A 254 0.04 -4.91 -55.75
N TRP A 255 0.40 -6.17 -55.47
CA TRP A 255 1.12 -6.96 -56.45
C TRP A 255 0.16 -7.60 -57.46
N ARG A 256 -0.90 -8.23 -56.97
CA ARG A 256 -1.89 -8.90 -57.83
C ARG A 256 -3.27 -8.47 -57.34
N SER A 257 -3.83 -7.44 -57.98
CA SER A 257 -5.14 -6.93 -57.62
C SER A 257 -6.27 -7.62 -58.38
N ARG A 258 -5.96 -8.40 -59.42
CA ARG A 258 -6.97 -9.11 -60.19
C ARG A 258 -7.48 -10.34 -59.43
N PRO A 259 -6.60 -11.22 -58.93
CA PRO A 259 -7.10 -12.43 -58.27
C PRO A 259 -7.86 -12.14 -56.99
N TRP A 260 -8.38 -13.19 -56.36
CA TRP A 260 -9.22 -13.02 -55.18
C TRP A 260 -8.42 -12.44 -54.01
N VAL A 261 -9.14 -12.00 -52.99
CA VAL A 261 -8.55 -11.41 -51.79
C VAL A 261 -9.05 -12.15 -50.57
N PHE A 262 -9.38 -13.44 -50.75
CA PHE A 262 -9.82 -14.32 -49.66
C PHE A 262 -11.21 -13.96 -49.15
N GLY A 263 -12.08 -13.44 -50.02
CA GLY A 263 -13.46 -13.20 -49.67
C GLY A 263 -13.70 -11.79 -49.15
N PRO A 264 -14.96 -11.37 -49.10
CA PRO A 264 -15.26 -10.01 -48.60
C PRO A 264 -14.97 -9.83 -47.12
N LEU A 265 -15.39 -10.79 -46.29
CA LEU A 265 -15.22 -10.64 -44.84
C LEU A 265 -13.76 -10.43 -44.48
N LEU A 266 -12.85 -11.13 -45.16
CA LEU A 266 -11.43 -10.97 -44.89
C LEU A 266 -10.97 -9.55 -45.20
N CYS A 267 -11.36 -9.03 -46.37
CA CYS A 267 -10.97 -7.68 -46.75
C CYS A 267 -11.61 -6.64 -45.83
N ARG A 268 -12.91 -6.78 -45.56
CA ARG A 268 -13.58 -5.84 -44.67
C ARG A 268 -12.87 -5.75 -43.33
N LEU A 269 -12.56 -6.88 -42.73
CA LEU A 269 -11.80 -6.83 -41.52
C LEU A 269 -10.39 -6.32 -41.76
N SER A 270 -9.76 -6.62 -42.89
CA SER A 270 -8.42 -6.06 -43.18
C SER A 270 -8.42 -4.55 -43.17
N LEU A 271 -9.45 -3.94 -43.69
CA LEU A 271 -9.55 -2.52 -43.70
C LEU A 271 -10.01 -2.00 -42.36
N TYR A 272 -10.79 -2.74 -41.57
CA TYR A 272 -11.35 -2.19 -40.35
C TYR A 272 -10.33 -2.21 -39.21
N VAL A 273 -9.63 -3.33 -39.05
CA VAL A 273 -8.62 -3.43 -37.99
C VAL A 273 -7.52 -2.41 -38.21
N GLY A 274 -7.08 -2.24 -39.46
CA GLY A 274 -6.04 -1.26 -39.73
C GLY A 274 -6.47 0.15 -39.42
N GLU A 275 -7.67 0.53 -39.87
CA GLU A 275 -8.16 1.88 -39.60
C GLU A 275 -8.36 2.11 -38.10
N GLY A 276 -8.89 1.10 -37.40
CA GLY A 276 -9.08 1.25 -35.96
C GLY A 276 -7.76 1.38 -35.22
N CYS A 277 -6.75 0.60 -35.61
CA CYS A 277 -5.44 0.71 -34.98
C CYS A 277 -4.81 2.05 -35.28
N THR A 278 -5.00 2.58 -36.49
CA THR A 278 -4.49 3.91 -36.81
C THR A 278 -5.13 4.97 -35.93
N TYR A 279 -6.46 4.95 -35.81
CA TYR A 279 -7.15 5.91 -34.95
C TYR A 279 -6.71 5.75 -33.50
N ALA A 280 -6.52 4.52 -33.05
CA ALA A 280 -6.08 4.28 -31.67
C ALA A 280 -4.68 4.84 -31.45
N THR A 281 -3.78 4.66 -32.42
CA THR A 281 -2.44 5.21 -32.30
C THR A 281 -2.49 6.74 -32.23
N LEU A 282 -3.31 7.36 -33.07
CA LEU A 282 -3.43 8.81 -33.04
C LEU A 282 -3.96 9.29 -31.69
N LEU A 283 -5.02 8.65 -31.20
CA LEU A 283 -5.59 9.05 -29.91
C LEU A 283 -4.60 8.83 -28.77
N HIS A 284 -3.82 7.74 -28.84
CA HIS A 284 -2.83 7.48 -27.79
C HIS A 284 -1.71 8.50 -27.82
N MET A 285 -1.27 8.91 -29.02
CA MET A 285 -0.29 9.97 -29.11
C MET A 285 -0.82 11.27 -28.51
N THR A 286 -2.08 11.61 -28.84
CA THR A 286 -2.68 12.83 -28.30
C THR A 286 -2.75 12.76 -26.77
N ALA A 287 -3.19 11.61 -26.24
CA ALA A 287 -3.32 11.47 -24.79
C ALA A 287 -1.95 11.54 -24.11
N LEU A 288 -0.93 10.93 -24.72
CA LEU A 288 0.41 11.00 -24.15
C LEU A 288 0.95 12.42 -24.16
N SER A 289 0.69 13.17 -25.24
CA SER A 289 1.11 14.56 -25.27
C SER A 289 0.40 15.36 -24.18
N VAL A 290 -0.90 15.14 -24.01
CA VAL A 290 -1.64 15.86 -22.98
C VAL A 290 -1.10 15.53 -21.59
N GLU A 291 -0.80 14.25 -21.36
CA GLU A 291 -0.26 13.83 -20.06
C GLU A 291 1.11 14.45 -19.81
N ARG A 292 1.97 14.46 -20.83
CA ARG A 292 3.28 15.08 -20.68
C ARG A 292 3.15 16.57 -20.38
N TYR A 293 2.20 17.25 -21.03
CA TYR A 293 1.99 18.66 -20.74
C TYR A 293 1.51 18.86 -19.30
N LEU A 294 0.54 18.05 -18.86
CA LEU A 294 0.03 18.20 -17.50
C LEU A 294 1.07 17.85 -16.46
N ALA A 295 2.04 17.00 -16.80
CA ALA A 295 3.06 16.59 -15.86
C ALA A 295 4.23 17.56 -15.79
N ILE A 296 4.66 18.10 -16.93
CA ILE A 296 5.83 18.97 -16.99
C ILE A 296 5.44 20.43 -16.79
N CYS A 297 4.41 20.89 -17.48
CA CYS A 297 3.98 22.29 -17.43
C CYS A 297 3.06 22.58 -16.24
N ARG A 298 3.04 21.70 -15.24
CA ARG A 298 2.20 21.94 -14.08
C ARG A 298 2.73 23.13 -13.28
N PRO A 299 1.87 23.86 -12.56
CA PRO A 299 2.32 25.02 -11.77
C PRO A 299 3.10 24.61 -10.53
N VAL A 306 -2.98 12.00 -11.05
CA VAL A 306 -2.91 10.84 -11.92
C VAL A 306 -3.31 9.58 -11.16
N THR A 307 -4.01 8.67 -11.84
CA THR A 307 -4.47 7.43 -11.23
C THR A 307 -4.42 6.33 -12.29
N ARG A 308 -4.01 5.13 -11.87
CA ARG A 308 -3.93 4.01 -12.80
C ARG A 308 -5.30 3.65 -13.34
N ARG A 309 -6.31 3.61 -12.46
CA ARG A 309 -7.66 3.30 -12.91
C ARG A 309 -8.15 4.33 -13.92
N ARG A 310 -7.90 5.61 -13.66
CA ARG A 310 -8.34 6.65 -14.58
C ARG A 310 -7.62 6.53 -15.93
N VAL A 311 -6.32 6.26 -15.90
CA VAL A 311 -5.57 6.12 -17.15
C VAL A 311 -6.09 4.93 -17.94
N ARG A 312 -6.35 3.80 -17.26
CA ARG A 312 -6.85 2.62 -17.97
C ARG A 312 -8.23 2.88 -18.55
N ALA A 313 -9.10 3.57 -17.80
CA ALA A 313 -10.42 3.90 -18.32
C ALA A 313 -10.33 4.81 -19.53
N LEU A 314 -9.42 5.79 -19.49
CA LEU A 314 -9.24 6.68 -20.63
C LEU A 314 -8.74 5.92 -21.85
N ILE A 315 -7.79 5.00 -21.64
CA ILE A 315 -7.28 4.20 -22.75
C ILE A 315 -8.40 3.34 -23.34
N ALA A 316 -9.22 2.75 -22.48
CA ALA A 316 -10.33 1.94 -22.97
C ALA A 316 -11.33 2.78 -23.75
N VAL A 317 -11.61 4.00 -23.27
CA VAL A 317 -12.55 4.88 -23.98
C VAL A 317 -11.98 5.27 -25.34
N LEU A 318 -10.68 5.57 -25.39
CA LEU A 318 -10.06 5.91 -26.66
C LEU A 318 -10.12 4.73 -27.64
N TRP A 319 -9.84 3.52 -27.14
CA TRP A 319 -9.92 2.35 -28.01
C TRP A 319 -11.34 2.14 -28.51
N ALA A 320 -12.33 2.31 -27.65
CA ALA A 320 -13.72 2.16 -28.07
C ALA A 320 -14.09 3.18 -29.12
N VAL A 321 -13.67 4.44 -28.93
CA VAL A 321 -13.97 5.48 -29.91
C VAL A 321 -13.30 5.16 -31.24
N ALA A 322 -12.05 4.67 -31.20
CA ALA A 322 -11.36 4.34 -32.43
C ALA A 322 -12.04 3.19 -33.16
N LEU A 323 -12.49 2.18 -32.42
CA LEU A 323 -13.17 1.04 -33.05
C LEU A 323 -14.54 1.44 -33.58
N LEU A 324 -15.21 2.40 -32.94
CA LEU A 324 -16.53 2.81 -33.40
C LEU A 324 -16.43 3.71 -34.62
N SER A 325 -15.42 4.58 -34.66
CA SER A 325 -15.29 5.50 -35.78
C SER A 325 -15.03 4.76 -37.09
N ALA A 326 -14.30 3.65 -37.05
CA ALA A 326 -14.03 2.87 -38.24
C ALA A 326 -15.17 1.93 -38.62
N GLY A 327 -16.31 2.03 -37.94
CA GLY A 327 -17.43 1.15 -38.20
C GLY A 327 -17.85 1.12 -39.65
N PRO A 328 -18.13 2.29 -40.23
CA PRO A 328 -18.62 2.33 -41.62
C PRO A 328 -17.72 1.61 -42.61
N PHE A 329 -16.44 1.45 -42.31
CA PHE A 329 -15.55 0.74 -43.23
C PHE A 329 -15.94 -0.73 -43.39
N LEU A 330 -16.79 -1.26 -42.51
CA LEU A 330 -17.24 -2.64 -42.62
C LEU A 330 -18.40 -2.81 -43.59
N PHE A 331 -19.03 -1.71 -44.02
CA PHE A 331 -20.19 -1.80 -44.91
C PHE A 331 -19.98 -0.98 -46.17
N LEU A 332 -19.32 0.17 -46.04
CA LEU A 332 -19.10 1.03 -47.19
C LEU A 332 -18.07 0.47 -48.16
N VAL A 333 -17.02 -0.18 -47.66
CA VAL A 333 -15.98 -0.75 -48.53
C VAL A 333 -15.63 -2.15 -48.03
N GLY A 334 -14.72 -2.81 -48.74
CA GLY A 334 -14.26 -4.12 -48.36
C GLY A 334 -14.94 -5.28 -49.04
N VAL A 335 -15.85 -5.03 -49.99
CA VAL A 335 -16.58 -6.08 -50.68
C VAL A 335 -16.00 -6.28 -52.07
N GLU A 336 -15.64 -7.54 -52.43
CA GLU A 336 -14.98 -7.81 -53.70
C GLU A 336 -16.06 -7.39 -54.61
N GLN A 337 -15.73 -6.85 -55.77
CA GLN A 337 -16.75 -6.21 -56.55
C GLN A 337 -17.09 -6.57 -57.96
N ASP A 338 -16.50 -7.61 -58.52
CA ASP A 338 -16.93 -8.05 -59.85
C ASP A 338 -17.05 -9.55 -59.93
N ALA A 381 -14.28 -20.29 -69.48
CA ALA A 381 -14.78 -18.95 -69.70
C ALA A 381 -15.66 -18.56 -68.54
N GLU A 382 -16.43 -19.52 -68.02
CA GLU A 382 -17.23 -19.25 -66.84
C GLU A 382 -16.15 -18.55 -65.78
N ALA A 383 -14.94 -19.12 -65.59
CA ALA A 383 -13.92 -18.57 -64.60
C ALA A 383 -13.04 -17.39 -65.07
N ALA A 384 -13.00 -17.24 -66.38
CA ALA A 384 -12.32 -16.08 -66.92
C ALA A 384 -13.23 -14.99 -66.40
N ALA A 385 -14.55 -15.18 -66.56
CA ALA A 385 -15.48 -14.20 -65.99
C ALA A 385 -15.12 -14.03 -64.54
N LEU A 386 -14.99 -15.08 -63.72
CA LEU A 386 -14.57 -14.89 -62.29
C LEU A 386 -13.41 -13.98 -61.87
N PHE A 387 -12.45 -13.71 -62.75
CA PHE A 387 -11.25 -12.90 -62.40
C PHE A 387 -11.50 -11.37 -62.30
N SER A 388 -10.46 -10.60 -61.97
CA SER A 388 -10.58 -9.15 -61.82
C SER A 388 -11.47 -8.76 -60.62
N ARG A 389 -11.03 -9.10 -59.39
CA ARG A 389 -11.80 -8.81 -58.19
C ARG A 389 -10.93 -8.61 -56.98
N GLU A 390 -10.94 -7.44 -56.37
CA GLU A 390 -10.21 -7.23 -55.14
C GLU A 390 -10.81 -6.03 -54.56
N CYS A 391 -10.68 -5.85 -53.27
CA CYS A 391 -11.36 -4.76 -52.63
C CYS A 391 -11.34 -3.53 -53.44
N ARG A 392 -12.51 -2.92 -53.62
CA ARG A 392 -12.51 -1.69 -54.26
C ARG A 392 -13.61 -1.10 -53.52
N PRO A 393 -13.63 0.20 -53.44
CA PRO A 393 -14.81 0.82 -52.84
C PRO A 393 -16.05 0.58 -53.68
N SER A 394 -17.21 0.71 -53.05
CA SER A 394 -18.47 0.53 -53.75
C SER A 394 -18.70 1.67 -54.73
N PRO A 395 -19.30 1.40 -55.89
CA PRO A 395 -19.48 2.49 -56.88
C PRO A 395 -20.51 3.53 -56.45
N ALA A 396 -21.66 3.08 -55.92
CA ALA A 396 -22.71 4.03 -55.54
C ALA A 396 -22.47 4.68 -54.18
N GLN A 397 -21.83 3.97 -53.25
CA GLN A 397 -21.57 4.51 -51.93
C GLN A 397 -20.26 5.28 -51.83
N LEU A 398 -19.61 5.55 -52.97
CA LEU A 398 -18.35 6.30 -52.93
C LEU A 398 -18.55 7.67 -52.30
N GLY A 399 -19.71 8.28 -52.50
CA GLY A 399 -19.97 9.57 -51.86
C GLY A 399 -19.93 9.48 -50.35
N ALA A 400 -20.44 8.39 -49.79
CA ALA A 400 -20.35 8.18 -48.35
C ALA A 400 -18.90 8.07 -47.90
N LEU A 401 -18.09 7.29 -48.63
CA LEU A 401 -16.66 7.21 -48.30
C LEU A 401 -16.00 8.58 -48.40
N ARG A 402 -16.39 9.38 -49.39
CA ARG A 402 -15.81 10.71 -49.54
C ARG A 402 -16.15 11.58 -48.34
N VAL A 403 -17.43 11.70 -48.01
CA VAL A 403 -17.83 12.56 -46.89
C VAL A 403 -17.30 12.03 -45.57
N MET A 404 -17.00 10.74 -45.48
CA MET A 404 -16.39 10.21 -44.26
C MET A 404 -14.91 10.57 -44.18
N LEU A 405 -14.17 10.37 -45.27
CA LEU A 405 -12.76 10.74 -45.28
C LEU A 405 -12.58 12.24 -45.08
N TRP A 406 -13.55 13.05 -45.52
CA TRP A 406 -13.48 14.48 -45.23
C TRP A 406 -13.63 14.75 -43.74
N VAL A 407 -14.42 13.93 -43.03
CA VAL A 407 -14.54 14.08 -41.58
C VAL A 407 -13.34 13.49 -40.87
N THR A 408 -12.69 12.49 -41.48
CA THR A 408 -11.51 11.88 -40.86
C THR A 408 -10.38 12.88 -40.68
N THR A 409 -10.41 14.00 -41.41
CA THR A 409 -9.37 15.02 -41.25
C THR A 409 -9.29 15.53 -39.81
N ALA A 410 -10.36 15.40 -39.04
CA ALA A 410 -10.31 15.81 -37.64
C ALA A 410 -9.27 15.02 -36.85
N TYR A 411 -8.97 13.80 -37.29
CA TYR A 411 -7.93 13.00 -36.66
C TYR A 411 -6.52 13.45 -37.03
N PHE A 412 -6.38 14.53 -37.80
CA PHE A 412 -5.09 15.10 -38.15
C PHE A 412 -4.91 16.51 -37.63
N PHE A 413 -5.86 17.41 -37.92
CA PHE A 413 -5.70 18.81 -37.52
C PHE A 413 -5.66 18.95 -36.01
N LEU A 414 -6.61 18.31 -35.30
CA LEU A 414 -6.65 18.47 -33.85
C LEU A 414 -5.44 17.85 -33.17
N PRO A 415 -5.06 16.59 -33.47
CA PRO A 415 -3.82 16.07 -32.86
C PRO A 415 -2.59 16.88 -33.24
N PHE A 416 -2.50 17.36 -34.47
CA PHE A 416 -1.37 18.18 -34.88
C PHE A 416 -1.29 19.44 -34.04
N LEU A 417 -2.39 20.18 -33.92
CA LEU A 417 -2.40 21.38 -33.09
C LEU A 417 -2.04 21.06 -31.65
N CYS A 418 -2.63 20.00 -31.09
CA CYS A 418 -2.35 19.64 -29.72
C CYS A 418 -0.86 19.37 -29.51
N LEU A 419 -0.29 18.47 -30.30
CA LEU A 419 1.12 18.14 -30.17
C LEU A 419 1.98 19.37 -30.33
N SER A 420 1.71 20.19 -31.36
CA SER A 420 2.51 21.38 -31.60
C SER A 420 2.49 22.31 -30.40
N ILE A 421 1.30 22.65 -29.92
CA ILE A 421 1.19 23.62 -28.83
C ILE A 421 1.83 23.07 -27.56
N LEU A 422 1.59 21.80 -27.26
CA LEU A 422 2.11 21.22 -26.03
C LEU A 422 3.64 21.13 -26.08
N TYR A 423 4.20 20.72 -27.21
CA TYR A 423 5.66 20.66 -27.32
C TYR A 423 6.27 22.06 -27.26
N GLY A 424 5.59 23.04 -27.87
CA GLY A 424 6.09 24.40 -27.78
C GLY A 424 6.11 24.92 -26.35
N LEU A 425 5.05 24.64 -25.59
CA LEU A 425 5.01 25.06 -24.20
C LEU A 425 6.07 24.32 -23.38
N ILE A 426 6.25 23.03 -23.63
CA ILE A 426 7.26 22.27 -22.90
C ILE A 426 8.65 22.81 -23.19
N GLY A 427 8.91 23.20 -24.45
CA GLY A 427 10.20 23.77 -24.78
C GLY A 427 10.40 25.14 -24.17
N ARG A 428 9.35 25.97 -24.16
CA ARG A 428 9.43 27.28 -23.53
C ARG A 428 9.72 27.14 -22.04
N GLU A 429 9.15 26.13 -21.40
CA GLU A 429 9.37 25.94 -19.96
C GLU A 429 10.76 25.37 -19.69
N LEU A 430 11.18 24.36 -20.45
CA LEU A 430 12.46 23.70 -20.20
C LEU A 430 13.62 24.48 -20.82
N TRP A 431 13.60 24.64 -22.15
CA TRP A 431 14.73 25.27 -22.83
C TRP A 431 14.81 26.76 -22.50
N SER A 432 13.70 27.37 -22.09
CA SER A 432 13.69 28.79 -21.76
C SER A 432 12.95 29.04 -20.45
N GLY A 448 19.88 17.42 -20.90
CA GLY A 448 18.60 17.21 -20.26
C GLY A 448 17.48 17.95 -20.95
N HIS A 449 17.42 19.28 -20.75
CA HIS A 449 16.39 20.08 -21.37
C HIS A 449 16.61 20.20 -22.88
N ARG A 450 17.85 20.45 -23.29
CA ARG A 450 18.15 20.56 -24.72
C ARG A 450 17.86 19.24 -25.43
N GLN A 451 18.28 18.12 -24.86
CA GLN A 451 18.00 16.83 -25.47
C GLN A 451 16.51 16.57 -25.55
N THR A 452 15.76 16.93 -24.49
CA THR A 452 14.33 16.71 -24.48
C THR A 452 13.64 17.52 -25.57
N VAL A 453 14.00 18.81 -25.69
CA VAL A 453 13.35 19.64 -26.71
C VAL A 453 13.75 19.18 -28.10
N ARG A 454 15.00 18.72 -28.29
CA ARG A 454 15.38 18.21 -29.60
C ARG A 454 14.61 16.95 -29.95
N VAL A 455 14.42 16.05 -28.98
CA VAL A 455 13.65 14.83 -29.24
C VAL A 455 12.21 15.19 -29.58
N LEU A 456 11.63 16.15 -28.86
CA LEU A 456 10.26 16.55 -29.14
C LEU A 456 10.14 17.16 -30.53
N LEU A 457 11.10 17.99 -30.91
CA LEU A 457 11.10 18.59 -32.25
C LEU A 457 11.19 17.52 -33.32
N VAL A 458 12.10 16.55 -33.15
CA VAL A 458 12.24 15.47 -34.11
C VAL A 458 10.94 14.67 -34.20
N VAL A 459 10.31 14.41 -33.05
CA VAL A 459 9.08 13.62 -33.04
C VAL A 459 7.98 14.34 -33.79
N VAL A 460 7.81 15.64 -33.53
CA VAL A 460 6.74 16.37 -34.19
C VAL A 460 7.02 16.51 -35.69
N LEU A 461 8.29 16.71 -36.07
CA LEU A 461 8.62 16.81 -37.48
C LEU A 461 8.34 15.50 -38.20
N ALA A 462 8.71 14.37 -37.58
CA ALA A 462 8.41 13.07 -38.18
C ALA A 462 6.91 12.87 -38.29
N PHE A 463 6.17 13.20 -37.23
CA PHE A 463 4.71 13.08 -37.27
C PHE A 463 4.14 13.85 -38.45
N ILE A 464 4.55 15.11 -38.61
CA ILE A 464 4.07 15.91 -39.72
C ILE A 464 4.41 15.25 -41.05
N ILE A 465 5.71 15.05 -41.30
CA ILE A 465 6.17 14.55 -42.59
C ILE A 465 5.58 13.19 -42.91
N CYS A 466 5.12 12.44 -41.91
CA CYS A 466 4.59 11.10 -42.18
C CYS A 466 3.07 11.07 -42.28
N TRP A 467 2.37 11.99 -41.61
CA TRP A 467 0.91 11.97 -41.61
C TRP A 467 0.29 12.95 -42.58
N LEU A 468 0.85 14.14 -42.76
CA LEU A 468 0.28 15.08 -43.72
C LEU A 468 0.22 14.51 -45.12
N PRO A 469 1.28 13.88 -45.65
CA PRO A 469 1.18 13.28 -46.98
C PRO A 469 0.09 12.23 -47.09
N PHE A 470 -0.17 11.49 -46.02
CA PHE A 470 -1.23 10.48 -46.06
C PHE A 470 -2.58 11.12 -46.34
N HIS A 471 -2.96 12.11 -45.54
CA HIS A 471 -4.24 12.78 -45.73
C HIS A 471 -4.27 13.52 -47.06
N VAL A 472 -3.15 14.10 -47.48
CA VAL A 472 -3.12 14.78 -48.78
C VAL A 472 -3.40 13.79 -49.90
N GLY A 473 -2.75 12.62 -49.86
CA GLY A 473 -2.97 11.62 -50.89
C GLY A 473 -4.39 11.08 -50.87
N ARG A 474 -4.96 10.89 -49.68
CA ARG A 474 -6.34 10.41 -49.62
C ARG A 474 -7.31 11.45 -50.18
N ILE A 475 -7.09 12.73 -49.85
CA ILE A 475 -7.93 13.79 -50.39
C ILE A 475 -7.81 13.83 -51.91
N ILE A 476 -6.59 13.65 -52.42
CA ILE A 476 -6.41 13.61 -53.88
C ILE A 476 -7.14 12.42 -54.48
N TYR A 477 -7.07 11.27 -53.80
CA TYR A 477 -7.75 10.07 -54.29
C TYR A 477 -9.25 10.31 -54.41
N ILE A 478 -9.88 10.83 -53.36
CA ILE A 478 -11.31 11.12 -53.40
C ILE A 478 -11.63 12.29 -54.32
N ASN A 479 -10.61 12.97 -54.87
CA ASN A 479 -10.80 14.07 -55.78
C ASN A 479 -10.30 13.77 -57.19
N THR A 480 -10.11 12.49 -57.52
CA THR A 480 -9.62 12.11 -58.84
C THR A 480 -10.69 12.38 -59.89
N GLU A 481 -10.32 13.11 -60.95
CA GLU A 481 -11.23 13.45 -62.02
C GLU A 481 -10.70 13.10 -63.41
N ASP A 482 -9.38 13.13 -63.60
CA ASP A 482 -8.77 12.86 -64.90
C ASP A 482 -7.83 11.66 -64.78
N SER A 483 -7.42 11.15 -65.95
CA SER A 483 -6.54 9.98 -65.97
C SER A 483 -5.16 10.32 -65.41
N ARG A 484 -4.59 11.45 -65.82
CA ARG A 484 -3.29 11.86 -65.29
C ARG A 484 -3.36 12.10 -63.79
N MET A 485 -4.49 12.62 -63.31
CA MET A 485 -4.67 12.80 -61.88
C MET A 485 -4.59 11.45 -61.15
N MET A 486 -5.24 10.43 -61.70
CA MET A 486 -5.16 9.10 -61.11
C MET A 486 -3.74 8.55 -61.17
N TYR A 487 -3.06 8.76 -62.29
CA TYR A 487 -1.68 8.28 -62.43
C TYR A 487 -0.78 8.90 -61.37
N PHE A 488 -0.95 10.19 -61.11
CA PHE A 488 -0.14 10.85 -60.09
C PHE A 488 -0.56 10.44 -58.68
N SER A 489 -1.87 10.23 -58.47
CA SER A 489 -2.35 9.83 -57.15
C SER A 489 -1.86 8.44 -56.79
N GLN A 490 -1.67 7.57 -57.78
CA GLN A 490 -1.09 6.26 -57.48
C GLN A 490 0.27 6.40 -56.81
N TYR A 491 1.17 7.17 -57.43
CA TYR A 491 2.50 7.39 -56.85
C TYR A 491 2.39 8.10 -55.50
N PHE A 492 1.53 9.12 -55.40
CA PHE A 492 1.39 9.83 -54.15
C PHE A 492 0.92 8.91 -53.02
N ASN A 493 -0.02 8.01 -53.31
CA ASN A 493 -0.54 7.09 -52.32
C ASN A 493 0.46 6.01 -51.94
N ILE A 494 1.25 5.50 -52.89
CA ILE A 494 2.29 4.55 -52.49
C ILE A 494 3.33 5.24 -51.63
N VAL A 495 3.67 6.49 -51.94
CA VAL A 495 4.61 7.21 -51.08
C VAL A 495 4.02 7.43 -49.70
N ALA A 496 2.71 7.74 -49.63
CA ALA A 496 2.05 7.87 -48.34
C ALA A 496 2.08 6.56 -47.57
N LEU A 497 1.90 5.44 -48.26
CA LEU A 497 1.99 4.14 -47.61
C LEU A 497 3.38 3.91 -47.04
N GLN A 498 4.42 4.21 -47.83
CA GLN A 498 5.79 4.05 -47.34
C GLN A 498 6.03 4.91 -46.12
N LEU A 499 5.58 6.17 -46.14
CA LEU A 499 5.79 7.05 -45.00
C LEU A 499 5.02 6.57 -43.78
N PHE A 500 3.80 6.06 -43.98
CA PHE A 500 3.01 5.55 -42.88
C PHE A 500 3.68 4.36 -42.23
N TYR A 501 4.19 3.43 -43.04
CA TYR A 501 4.88 2.28 -42.47
C TYR A 501 6.18 2.69 -41.79
N LEU A 502 6.90 3.67 -42.36
CA LEU A 502 8.10 4.16 -41.71
C LEU A 502 7.78 4.75 -40.34
N SER A 503 6.69 5.52 -40.25
CA SER A 503 6.29 6.09 -38.96
C SER A 503 5.90 4.98 -37.98
N ALA A 504 5.12 4.00 -38.45
CA ALA A 504 4.69 2.92 -37.57
C ALA A 504 5.88 2.10 -37.06
N SER A 505 6.94 2.00 -37.87
CA SER A 505 8.13 1.25 -37.46
C SER A 505 9.08 2.07 -36.60
N ILE A 506 9.11 3.40 -36.79
CA ILE A 506 10.02 4.25 -36.02
C ILE A 506 9.40 4.78 -34.74
N ASN A 507 8.09 4.63 -34.56
CA ASN A 507 7.44 5.06 -33.31
C ASN A 507 8.19 4.59 -32.07
N PRO A 508 8.51 3.31 -31.91
CA PRO A 508 9.29 2.91 -30.72
C PRO A 508 10.70 3.46 -30.72
N ILE A 509 11.28 3.73 -31.89
CA ILE A 509 12.61 4.31 -31.94
C ILE A 509 12.58 5.74 -31.38
N LEU A 510 11.50 6.47 -31.62
CA LEU A 510 11.41 7.84 -31.16
C LEU A 510 10.90 7.93 -29.72
N TYR A 511 10.04 7.00 -29.30
CA TYR A 511 9.42 7.05 -27.98
C TYR A 511 10.11 6.14 -26.97
N ASN A 512 10.26 4.86 -27.30
CA ASN A 512 10.77 3.90 -26.32
C ASN A 512 12.30 3.91 -26.27
N LEU A 513 12.96 3.67 -27.41
CA LEU A 513 14.41 3.53 -27.41
C LEU A 513 15.11 4.80 -26.93
N ILE A 514 14.45 5.95 -26.98
CA ILE A 514 15.07 7.20 -26.51
C ILE A 514 15.08 7.31 -24.99
N SER A 515 14.24 6.54 -24.30
CA SER A 515 14.14 6.63 -22.86
C SER A 515 15.32 5.94 -22.19
N LYS A 516 15.68 6.42 -20.99
CA LYS A 516 16.78 5.81 -20.25
C LYS A 516 16.34 4.51 -19.58
N LYS A 517 15.16 4.51 -18.96
CA LYS A 517 14.68 3.30 -18.29
C LYS A 517 14.43 2.18 -19.30
N TYR A 518 13.91 2.53 -20.48
CA TYR A 518 13.66 1.52 -21.50
C TYR A 518 14.95 0.88 -21.96
N ARG A 519 15.99 1.69 -22.22
CA ARG A 519 17.27 1.13 -22.64
C ARG A 519 17.90 0.31 -21.51
N ALA A 520 17.76 0.77 -20.26
CA ALA A 520 18.28 -0.01 -19.14
C ALA A 520 17.60 -1.37 -19.06
N ALA A 521 16.27 -1.41 -19.20
CA ALA A 521 15.57 -2.68 -19.16
C ALA A 521 15.96 -3.57 -20.34
N ALA A 522 16.15 -2.98 -21.52
CA ALA A 522 16.56 -3.76 -22.68
C ALA A 522 17.93 -4.38 -22.46
N PHE A 523 18.87 -3.61 -21.90
CA PHE A 523 20.19 -4.15 -21.62
C PHE A 523 20.14 -5.22 -20.53
N LYS A 524 19.27 -5.03 -19.53
CA LYS A 524 19.16 -6.02 -18.47
C LYS A 524 18.52 -7.31 -18.96
N LEU A 525 17.68 -7.21 -20.00
CA LEU A 525 17.06 -8.41 -20.56
C LEU A 525 18.03 -9.19 -21.44
N LEU A 526 18.82 -8.49 -22.25
CA LEU A 526 19.77 -9.15 -23.14
C LEU A 526 21.05 -9.54 -22.40
N LEU A 527 21.74 -8.55 -21.84
CA LEU A 527 23.00 -8.80 -21.15
C LEU A 527 23.99 -9.52 -22.06
N PHE B 1 -6.15 2.26 -44.08
CA PHE B 1 -6.56 2.11 -45.51
C PHE B 1 -5.94 3.20 -46.38
N VAL B 2 -4.91 2.83 -47.14
CA VAL B 2 -4.27 3.74 -48.07
C VAL B 2 -4.87 3.50 -49.45
N PRO B 3 -5.62 4.45 -50.02
CA PRO B 3 -6.26 4.21 -51.32
C PRO B 3 -5.24 3.90 -52.40
N ILE B 4 -5.41 2.77 -53.07
CA ILE B 4 -4.57 2.35 -54.17
C ILE B 4 -5.48 1.81 -55.27
N PHE B 5 -5.32 2.33 -56.48
CA PHE B 5 -6.16 1.89 -57.60
C PHE B 5 -5.72 0.52 -58.07
N THR B 6 -6.68 -0.22 -58.62
CA THR B 6 -6.47 -1.57 -59.12
C THR B 6 -6.52 -1.59 -60.64
N TYR B 7 -6.11 -2.73 -61.20
CA TYR B 7 -6.09 -2.87 -62.66
C TYR B 7 -7.48 -2.62 -63.25
N GLY B 8 -8.53 -3.01 -62.53
CA GLY B 8 -9.88 -2.81 -63.04
C GLY B 8 -10.22 -1.34 -63.23
N GLU B 9 -9.77 -0.48 -62.33
CA GLU B 9 -10.20 0.90 -62.42
C GLU B 9 -9.34 1.63 -63.41
N LEU B 10 -8.15 1.14 -63.75
CA LEU B 10 -7.34 1.76 -64.80
C LEU B 10 -7.98 1.55 -66.17
N GLN B 11 -8.39 0.32 -66.49
CA GLN B 11 -8.99 0.07 -67.79
C GLN B 11 -10.34 0.77 -67.91
N ARG B 12 -11.11 0.86 -66.82
CA ARG B 12 -12.41 1.51 -66.87
C ARG B 12 -12.16 2.95 -67.20
N MET B 13 -11.21 3.56 -66.52
CA MET B 13 -10.96 4.98 -66.74
C MET B 13 -10.45 5.24 -68.15
N GLN B 14 -9.56 4.37 -68.65
CA GLN B 14 -9.03 4.55 -70.00
C GLN B 14 -10.15 4.44 -71.03
N GLU B 15 -11.06 3.48 -70.87
CA GLU B 15 -12.15 3.33 -71.82
C GLU B 15 -13.07 4.54 -71.80
N LYS B 16 -13.13 5.26 -70.68
CA LYS B 16 -13.99 6.44 -70.60
C LYS B 16 -13.37 7.63 -71.32
N GLU B 17 -12.04 7.75 -71.29
CA GLU B 17 -11.38 8.86 -71.97
C GLU B 17 -11.54 8.76 -73.48
N ARG B 18 -11.45 7.55 -74.03
CA ARG B 18 -11.59 7.33 -75.46
C ARG B 18 -13.04 7.22 -75.90
N ASN B 19 -13.99 7.39 -74.98
CA ASN B 19 -15.41 7.31 -75.33
C ASN B 19 -15.75 5.95 -75.94
N LEU C 5 -25.76 -14.30 2.82
CA LEU C 5 -25.03 -13.20 3.50
C LEU C 5 -25.94 -12.52 4.53
N SER C 6 -25.55 -12.62 5.80
CA SER C 6 -26.36 -12.05 6.87
C SER C 6 -26.32 -10.53 6.82
N ALA C 7 -27.25 -9.91 7.55
CA ALA C 7 -27.30 -8.46 7.59
C ALA C 7 -26.09 -7.86 8.30
N GLU C 8 -25.58 -8.55 9.33
CA GLU C 8 -24.38 -8.06 10.01
C GLU C 8 -23.19 -8.03 9.07
N ASP C 9 -23.07 -9.05 8.21
CA ASP C 9 -21.97 -9.06 7.24
C ASP C 9 -22.11 -7.91 6.24
N LYS C 10 -23.35 -7.62 5.81
CA LYS C 10 -23.55 -6.50 4.90
C LYS C 10 -23.22 -5.17 5.56
N ALA C 11 -23.58 -5.01 6.84
CA ALA C 11 -23.23 -3.80 7.55
C ALA C 11 -21.72 -3.67 7.73
N ALA C 12 -21.04 -4.78 8.00
CA ALA C 12 -19.58 -4.74 8.10
C ALA C 12 -18.95 -4.37 6.77
N VAL C 13 -19.49 -4.89 5.66
CA VAL C 13 -18.98 -4.55 4.34
C VAL C 13 -19.22 -3.07 4.05
N GLU C 14 -20.37 -2.54 4.48
CA GLU C 14 -20.65 -1.12 4.30
C GLU C 14 -19.67 -0.27 5.10
N ARG C 15 -19.39 -0.66 6.34
CA ARG C 15 -18.41 0.07 7.12
C ARG C 15 -17.03 0.01 6.49
N SER C 16 -16.67 -1.15 5.91
CA SER C 16 -15.39 -1.28 5.23
C SER C 16 -15.33 -0.36 4.02
N LYS C 17 -16.43 -0.26 3.26
CA LYS C 17 -16.47 0.64 2.12
C LYS C 17 -16.37 2.10 2.58
N MET C 18 -16.99 2.43 3.71
CA MET C 18 -16.85 3.79 4.23
C MET C 18 -15.41 4.09 4.63
N ILE C 19 -14.74 3.12 5.25
CA ILE C 19 -13.34 3.31 5.62
C ILE C 19 -12.48 3.46 4.36
N GLU C 20 -12.79 2.69 3.32
CA GLU C 20 -12.06 2.82 2.07
C GLU C 20 -12.27 4.18 1.44
N LYS C 21 -13.49 4.71 1.51
CA LYS C 21 -13.75 6.06 1.01
C LYS C 21 -12.98 7.10 1.80
N GLN C 22 -12.93 6.93 3.13
CA GLN C 22 -12.15 7.84 3.96
C GLN C 22 -10.67 7.80 3.59
N LEU C 23 -10.15 6.60 3.33
CA LEU C 23 -8.75 6.48 2.94
C LEU C 23 -8.51 7.11 1.57
N GLN C 24 -9.44 6.93 0.63
CA GLN C 24 -9.31 7.57 -0.67
C GLN C 24 -9.32 9.09 -0.55
N LYS C 25 -10.15 9.62 0.35
CA LYS C 25 -10.16 11.06 0.58
C LYS C 25 -8.85 11.53 1.20
N ASP C 26 -8.31 10.76 2.16
CA ASP C 26 -7.04 11.13 2.76
C ASP C 26 -5.88 11.02 1.79
N LYS C 27 -6.00 10.18 0.76
CA LYS C 27 -4.96 10.09 -0.26
C LYS C 27 -4.77 11.43 -0.96
N GLN C 28 -5.87 12.16 -1.21
CA GLN C 28 -5.77 13.43 -1.91
C GLN C 28 -4.90 14.42 -1.13
N VAL C 29 -4.87 14.31 0.20
CA VAL C 29 -4.03 15.18 1.00
C VAL C 29 -2.64 14.59 1.21
N TYR C 30 -2.52 13.26 1.24
CA TYR C 30 -1.23 12.64 1.49
C TYR C 30 -0.32 12.75 0.28
N ARG C 31 -0.84 12.42 -0.90
CA ARG C 31 -0.01 12.45 -2.11
C ARG C 31 0.38 13.88 -2.49
N ARG C 32 -0.48 14.86 -2.20
CA ARG C 32 -0.17 16.23 -2.55
C ARG C 32 0.81 16.87 -1.58
N THR C 33 0.77 16.48 -0.31
CA THR C 33 1.71 17.02 0.67
C THR C 33 3.09 16.44 0.44
N LEU C 34 4.09 17.31 0.34
CA LEU C 34 5.47 16.88 0.12
C LEU C 34 6.18 16.76 1.47
N ARG C 35 6.85 15.64 1.68
CA ARG C 35 7.56 15.36 2.91
C ARG C 35 9.05 15.62 2.72
N LEU C 36 9.65 16.33 3.67
CA LEU C 36 11.06 16.69 3.63
C LEU C 36 11.71 16.34 4.96
N LEU C 37 12.98 15.95 4.90
CA LEU C 37 13.76 15.61 6.08
C LEU C 37 14.77 16.70 6.37
N LEU C 38 14.88 17.08 7.65
CA LEU C 38 15.79 18.12 8.09
C LEU C 38 16.90 17.47 8.91
N LEU C 39 18.13 17.52 8.41
CA LEU C 39 19.29 16.96 9.08
C LEU C 39 20.30 18.06 9.37
N GLY C 40 21.18 17.79 10.33
CA GLY C 40 22.21 18.74 10.72
C GLY C 40 22.81 18.42 12.07
N ALA C 41 24.05 18.88 12.28
CA ALA C 41 24.72 18.63 13.55
C ALA C 41 24.13 19.52 14.64
N ASP C 42 24.65 19.36 15.86
CA ASP C 42 24.15 20.15 16.98
C ASP C 42 24.50 21.62 16.82
N ASN C 43 25.68 21.92 16.25
CA ASN C 43 26.07 23.31 16.04
C ASN C 43 25.30 23.97 14.90
N SER C 44 24.65 23.18 14.05
CA SER C 44 23.90 23.75 12.93
C SER C 44 22.78 24.64 13.42
N GLY C 45 22.46 25.67 12.64
CA GLY C 45 21.42 26.61 12.98
C GLY C 45 20.08 26.23 12.41
N LYS C 46 19.76 24.93 12.42
CA LYS C 46 18.48 24.49 11.90
C LYS C 46 17.31 24.95 12.76
N SER C 47 17.55 25.13 14.07
CA SER C 47 16.48 25.60 14.94
C SER C 47 16.06 27.02 14.57
N THR C 48 17.02 27.88 14.22
CA THR C 48 16.68 29.23 13.80
C THR C 48 15.85 29.23 12.53
N ILE C 49 16.12 28.29 11.62
CA ILE C 49 15.32 28.19 10.40
C ILE C 49 13.92 27.70 10.72
N VAL C 50 13.83 26.68 11.60
CA VAL C 50 12.52 26.12 11.95
C VAL C 50 11.66 27.19 12.62
N LYS C 51 12.26 28.01 13.48
CA LYS C 51 11.50 29.03 14.19
C LYS C 51 11.10 30.18 13.27
N GLN C 52 11.90 30.47 12.25
CA GLN C 52 11.63 31.61 11.37
C GLN C 52 10.93 31.21 10.08
N MET C 53 10.96 29.94 9.69
CA MET C 53 10.35 29.48 8.46
C MET C 53 8.92 28.99 8.66
N ARG C 54 8.22 29.51 9.66
CA ARG C 54 6.83 29.12 9.92
C ARG C 54 5.87 29.96 9.10
N ILE C 55 5.97 29.80 7.78
CA ILE C 55 5.11 30.53 6.85
C ILE C 55 3.74 29.87 6.76
N THR C 181 12.44 13.95 26.31
CA THR C 181 12.66 12.70 25.60
C THR C 181 11.81 12.63 24.34
N SER C 182 11.59 13.79 23.72
CA SER C 182 10.79 13.85 22.51
C SER C 182 11.54 13.19 21.34
N GLY C 183 10.78 12.63 20.41
CA GLY C 183 11.34 11.97 19.26
C GLY C 183 11.32 12.81 18.01
N ILE C 184 10.50 12.42 17.03
CA ILE C 184 10.43 13.14 15.77
C ILE C 184 9.67 14.45 15.99
N PHE C 185 10.17 15.51 15.36
CA PHE C 185 9.56 16.84 15.44
C PHE C 185 9.06 17.22 14.04
N GLU C 186 7.77 17.51 13.93
CA GLU C 186 7.14 17.82 12.66
C GLU C 186 6.93 19.31 12.53
N THR C 187 7.32 19.86 11.38
CA THR C 187 7.13 21.28 11.07
C THR C 187 6.42 21.37 9.72
N LYS C 188 5.26 21.99 9.70
CA LYS C 188 4.44 22.09 8.50
C LYS C 188 4.28 23.55 8.10
N PHE C 189 4.44 23.83 6.81
CA PHE C 189 4.25 25.17 6.28
C PHE C 189 3.69 25.06 4.87
N GLN C 190 3.08 26.14 4.40
CA GLN C 190 2.44 26.18 3.09
C GLN C 190 2.91 27.42 2.34
N VAL C 191 3.36 27.22 1.11
CA VAL C 191 3.79 28.32 0.24
C VAL C 191 3.35 28.00 -1.18
N ASP C 192 2.75 28.97 -1.85
CA ASP C 192 2.26 28.80 -3.22
C ASP C 192 1.26 27.65 -3.31
N LYS C 193 0.39 27.55 -2.32
CA LYS C 193 -0.67 26.54 -2.24
C LYS C 193 -0.12 25.12 -2.14
N VAL C 194 1.18 24.96 -1.87
CA VAL C 194 1.81 23.66 -1.73
C VAL C 194 2.15 23.46 -0.26
N ASN C 195 1.64 22.38 0.32
CA ASN C 195 1.87 22.06 1.73
C ASN C 195 3.16 21.26 1.85
N PHE C 196 4.09 21.75 2.67
CA PHE C 196 5.37 21.10 2.89
C PHE C 196 5.45 20.61 4.34
N HIS C 197 5.96 19.39 4.52
CA HIS C 197 6.14 18.80 5.84
C HIS C 197 7.63 18.57 6.06
N MET C 198 8.18 19.27 7.05
CA MET C 198 9.59 19.17 7.41
C MET C 198 9.72 18.48 8.76
N PHE C 199 10.52 17.42 8.81
CA PHE C 199 10.69 16.61 10.00
C PHE C 199 12.12 16.74 10.51
N ASP C 200 12.27 16.92 11.82
CA ASP C 200 13.57 17.05 12.47
C ASP C 200 13.71 15.95 13.50
N VAL C 201 14.86 15.28 13.50
CA VAL C 201 15.12 14.19 14.43
C VAL C 201 15.43 14.76 15.80
N GLY C 202 14.94 14.10 16.85
CA GLY C 202 15.12 14.58 18.20
C GLY C 202 16.21 13.85 18.97
N ALA C 203 15.81 13.11 20.01
CA ALA C 203 16.73 12.45 20.92
C ALA C 203 17.34 11.17 20.33
N GLN C 204 17.12 10.84 19.06
CA GLN C 204 17.71 9.63 18.51
C GLN C 204 19.23 9.75 18.47
N ARG C 205 19.90 8.63 18.70
CA ARG C 205 21.36 8.61 18.75
C ARG C 205 21.93 8.82 17.34
N ASP C 206 23.26 8.83 17.26
CA ASP C 206 23.95 9.05 16.00
C ASP C 206 23.93 7.83 15.08
N GLU C 207 23.29 6.73 15.49
CA GLU C 207 23.21 5.53 14.67
C GLU C 207 22.18 5.79 13.56
N ARG C 208 22.66 6.33 12.44
CA ARG C 208 21.77 6.79 11.39
C ARG C 208 21.43 5.70 10.38
N ARG C 209 22.26 4.67 10.25
CA ARG C 209 22.06 3.69 9.18
C ARG C 209 20.74 2.95 9.30
N LYS C 210 20.10 2.96 10.47
CA LYS C 210 18.87 2.21 10.68
C LYS C 210 17.62 3.06 10.44
N TRP C 211 17.45 4.13 11.23
CA TRP C 211 16.25 4.93 11.15
C TRP C 211 16.21 5.81 9.90
N ILE C 212 17.31 5.89 9.14
CA ILE C 212 17.31 6.67 7.92
C ILE C 212 16.51 5.98 6.83
N GLN C 213 16.30 4.66 6.93
CA GLN C 213 15.54 3.94 5.93
C GLN C 213 14.07 4.35 5.91
N CYS C 214 13.56 4.90 7.01
CA CYS C 214 12.15 5.28 7.05
C CYS C 214 11.90 6.53 6.21
N PHE C 215 12.88 7.43 6.14
CA PHE C 215 12.74 8.69 5.41
C PHE C 215 13.07 8.57 3.93
N ASN C 216 13.04 7.36 3.37
CA ASN C 216 13.30 7.19 1.95
C ASN C 216 12.04 7.53 1.15
N ASP C 217 12.22 7.65 -0.17
CA ASP C 217 11.16 7.99 -1.11
C ASP C 217 10.64 9.41 -0.92
N VAL C 218 11.28 10.21 -0.06
CA VAL C 218 10.83 11.58 0.18
C VAL C 218 11.21 12.46 -0.99
N THR C 219 10.65 13.67 -1.04
CA THR C 219 10.97 14.59 -2.13
C THR C 219 12.42 15.03 -2.07
N ALA C 220 12.86 15.49 -0.90
CA ALA C 220 14.23 15.96 -0.72
C ALA C 220 14.58 15.92 0.75
N ILE C 221 15.87 16.06 1.04
CA ILE C 221 16.39 16.06 2.40
C ILE C 221 17.12 17.38 2.61
N ILE C 222 16.60 18.21 3.52
CA ILE C 222 17.20 19.50 3.82
C ILE C 222 18.39 19.29 4.73
N PHE C 223 19.59 19.54 4.20
CA PHE C 223 20.83 19.40 4.95
C PHE C 223 21.39 20.79 5.21
N VAL C 224 21.37 21.21 6.48
CA VAL C 224 21.86 22.52 6.89
C VAL C 224 23.18 22.33 7.61
N VAL C 225 24.17 23.15 7.25
CA VAL C 225 25.51 23.09 7.84
C VAL C 225 26.03 24.51 7.96
N ASP C 226 26.59 24.84 9.12
CA ASP C 226 27.17 26.16 9.36
C ASP C 226 28.60 26.18 8.82
N SER C 227 28.80 26.86 7.69
CA SER C 227 30.11 26.93 7.07
C SER C 227 31.06 27.87 7.80
N SER C 228 30.57 28.62 8.79
CA SER C 228 31.43 29.57 9.51
C SER C 228 32.35 28.87 10.51
N ASP C 229 32.05 27.62 10.87
CA ASP C 229 32.87 26.87 11.82
C ASP C 229 33.84 26.01 11.02
N TYR C 230 35.04 26.55 10.78
CA TYR C 230 36.04 25.84 10.00
C TYR C 230 36.60 24.62 10.73
N ASN C 231 36.32 24.49 12.03
CA ASN C 231 36.88 23.38 12.80
C ASN C 231 36.20 22.07 12.45
N ARG C 232 34.87 22.06 12.46
CA ARG C 232 34.08 20.84 12.28
C ARG C 232 33.59 20.68 10.84
N LEU C 233 34.30 21.24 9.87
CA LEU C 233 33.91 21.05 8.48
C LEU C 233 34.17 19.63 8.00
N GLN C 234 35.23 19.00 8.51
CA GLN C 234 35.52 17.63 8.10
C GLN C 234 34.41 16.68 8.51
N GLU C 235 33.87 16.85 9.72
CA GLU C 235 32.76 16.01 10.16
C GLU C 235 31.53 16.21 9.28
N ALA C 236 31.25 17.47 8.91
CA ALA C 236 30.11 17.73 8.04
C ALA C 236 30.30 17.10 6.66
N LEU C 237 31.52 17.18 6.12
CA LEU C 237 31.79 16.56 4.82
C LEU C 237 31.65 15.04 4.91
N ASN C 238 32.14 14.44 6.00
CA ASN C 238 32.00 12.99 6.16
C ASN C 238 30.53 12.59 6.27
N ASP C 239 29.74 13.37 7.02
CA ASP C 239 28.32 13.07 7.13
C ASP C 239 27.61 13.21 5.79
N PHE C 240 27.95 14.24 5.01
CA PHE C 240 27.34 14.42 3.70
C PHE C 240 27.73 13.28 2.77
N LYS C 241 28.98 12.81 2.86
CA LYS C 241 29.40 11.69 2.03
C LYS C 241 28.68 10.41 2.42
N SER C 242 28.49 10.19 3.73
CA SER C 242 27.79 9.00 4.17
C SER C 242 26.32 9.04 3.75
N ILE C 243 25.70 10.22 3.78
CA ILE C 243 24.30 10.34 3.40
C ILE C 243 24.14 10.19 1.89
N TRP C 244 25.06 10.77 1.12
CA TRP C 244 24.94 10.73 -0.33
C TRP C 244 25.26 9.34 -0.89
N ASN C 245 26.14 8.60 -0.22
CA ASN C 245 26.53 7.27 -0.65
C ASN C 245 25.77 6.18 0.09
N ASN C 246 24.53 6.45 0.48
CA ASN C 246 23.71 5.48 1.19
C ASN C 246 22.98 4.58 0.19
N ARG C 247 22.81 3.31 0.58
CA ARG C 247 22.17 2.36 -0.32
C ARG C 247 20.72 2.71 -0.56
N TRP C 248 20.03 3.22 0.45
CA TRP C 248 18.60 3.49 0.34
C TRP C 248 18.29 4.88 -0.18
N LEU C 249 19.15 5.86 0.07
CA LEU C 249 18.96 7.23 -0.40
C LEU C 249 19.65 7.48 -1.74
N ARG C 250 19.84 6.43 -2.54
CA ARG C 250 20.51 6.59 -3.82
C ARG C 250 19.70 7.42 -4.82
N THR C 251 18.38 7.50 -4.64
CA THR C 251 17.53 8.27 -5.53
C THR C 251 16.95 9.52 -4.87
N ILE C 252 17.38 9.86 -3.66
CA ILE C 252 16.87 11.01 -2.93
C ILE C 252 17.89 12.13 -3.02
N SER C 253 17.44 13.31 -3.44
CA SER C 253 18.31 14.47 -3.55
C SER C 253 18.51 15.10 -2.17
N VAL C 254 19.57 15.92 -2.07
CA VAL C 254 19.92 16.60 -0.84
C VAL C 254 20.01 18.09 -1.12
N ILE C 255 19.30 18.88 -0.34
CA ILE C 255 19.32 20.34 -0.46
C ILE C 255 20.31 20.88 0.56
N LEU C 256 21.41 21.42 0.08
CA LEU C 256 22.48 21.92 0.94
C LEU C 256 22.27 23.41 1.21
N PHE C 257 22.22 23.78 2.49
CA PHE C 257 22.08 25.16 2.92
C PHE C 257 23.28 25.53 3.79
N LEU C 258 24.07 26.49 3.33
CA LEU C 258 25.22 26.98 4.08
C LEU C 258 24.77 28.17 4.92
N ASN C 259 24.34 27.89 6.15
CA ASN C 259 23.81 28.91 7.03
C ASN C 259 24.94 29.69 7.70
N LYS C 260 24.58 30.84 8.27
CA LYS C 260 25.51 31.69 9.01
C LYS C 260 26.66 32.13 8.12
N GLN C 261 26.32 32.88 7.07
CA GLN C 261 27.33 33.45 6.18
C GLN C 261 27.93 34.73 6.72
N ASP C 262 27.22 35.43 7.62
CA ASP C 262 27.76 36.65 8.20
C ASP C 262 28.94 36.35 9.12
N LEU C 263 28.81 35.31 9.97
CA LEU C 263 29.91 34.94 10.84
C LEU C 263 31.12 34.48 10.02
N LEU C 264 30.87 33.75 8.93
CA LEU C 264 31.97 33.35 8.05
C LEU C 264 32.67 34.57 7.47
N ALA C 265 31.90 35.55 7.01
CA ALA C 265 32.51 36.76 6.46
C ALA C 265 33.34 37.48 7.53
N GLU C 266 32.79 37.62 8.74
CA GLU C 266 33.54 38.28 9.80
C GLU C 266 34.83 37.55 10.12
N LYS C 267 34.78 36.21 10.18
CA LYS C 267 35.96 35.44 10.51
C LYS C 267 37.02 35.52 9.42
N VAL C 268 36.59 35.50 8.15
CA VAL C 268 37.56 35.54 7.05
C VAL C 268 38.09 36.95 6.83
N LEU C 269 37.37 37.99 7.25
CA LEU C 269 37.85 39.35 7.11
C LEU C 269 38.69 39.81 8.29
N ALA C 270 38.44 39.26 9.49
CA ALA C 270 39.22 39.67 10.65
C ALA C 270 40.65 39.13 10.59
N GLY C 271 40.84 38.00 9.93
CA GLY C 271 42.17 37.42 9.81
C GLY C 271 42.63 36.63 11.03
N LYS C 272 41.74 36.34 11.97
CA LYS C 272 42.15 35.59 13.16
C LYS C 272 42.38 34.13 12.81
N SER C 273 41.42 33.49 12.16
CA SER C 273 41.50 32.09 11.76
C SER C 273 41.28 31.99 10.26
N LYS C 274 42.26 31.43 9.56
CA LYS C 274 42.19 31.27 8.11
C LYS C 274 41.82 29.83 7.77
N ILE C 275 41.25 29.65 6.58
CA ILE C 275 40.87 28.32 6.13
C ILE C 275 42.09 27.47 5.80
N GLU C 276 43.21 28.11 5.47
CA GLU C 276 44.42 27.34 5.15
C GLU C 276 44.88 26.51 6.35
N ASP C 277 44.59 26.96 7.57
CA ASP C 277 44.97 26.22 8.77
C ASP C 277 44.23 24.91 8.90
N TYR C 278 43.15 24.70 8.14
CA TYR C 278 42.36 23.48 8.19
C TYR C 278 42.42 22.69 6.89
N PHE C 279 42.36 23.36 5.74
CA PHE C 279 42.42 22.71 4.45
C PHE C 279 43.64 23.20 3.68
N PRO C 280 44.53 22.32 3.23
CA PRO C 280 45.72 22.79 2.48
C PRO C 280 45.42 23.18 1.04
N GLU C 281 44.23 22.90 0.54
CA GLU C 281 43.88 23.22 -0.84
C GLU C 281 43.34 24.64 -1.01
N PHE C 282 42.99 25.31 0.09
CA PHE C 282 42.46 26.67 -0.03
C PHE C 282 43.49 27.63 -0.61
N ALA C 283 44.78 27.38 -0.38
CA ALA C 283 45.82 28.26 -0.91
C ALA C 283 46.03 28.07 -2.40
N ARG C 284 45.56 26.96 -2.97
CA ARG C 284 45.74 26.67 -4.39
C ARG C 284 44.45 26.80 -5.19
N TYR C 285 43.31 27.04 -4.55
CA TYR C 285 42.05 27.16 -5.26
C TYR C 285 41.88 28.56 -5.83
N THR C 286 41.36 28.62 -7.06
CA THR C 286 41.12 29.89 -7.74
C THR C 286 39.62 30.07 -7.95
N THR C 287 39.18 31.32 -7.92
CA THR C 287 37.77 31.62 -8.10
C THR C 287 37.35 31.29 -9.53
N PRO C 288 36.25 30.56 -9.72
CA PRO C 288 35.81 30.25 -11.09
C PRO C 288 35.55 31.53 -11.90
N GLU C 289 35.55 31.37 -13.22
CA GLU C 289 35.31 32.50 -14.11
C GLU C 289 33.84 32.88 -14.17
N ASP C 290 32.94 31.90 -14.05
CA ASP C 290 31.50 32.15 -14.08
C ASP C 290 30.93 32.50 -12.70
N ALA C 291 31.77 32.93 -11.77
CA ALA C 291 31.33 33.28 -10.43
C ALA C 291 30.76 34.69 -10.43
N THR C 292 29.48 34.82 -10.07
CA THR C 292 28.82 36.12 -10.01
C THR C 292 28.75 36.57 -8.55
N PRO C 293 29.65 37.43 -8.09
CA PRO C 293 29.62 37.87 -6.69
C PRO C 293 28.46 38.82 -6.43
N GLU C 294 28.14 38.97 -5.14
CA GLU C 294 27.07 39.87 -4.73
C GLU C 294 27.63 41.29 -4.52
N PRO C 295 26.79 42.31 -4.67
CA PRO C 295 27.28 43.68 -4.48
C PRO C 295 27.61 43.96 -3.03
N GLY C 296 28.69 44.69 -2.81
CA GLY C 296 29.12 45.03 -1.46
C GLY C 296 29.81 43.92 -0.71
N GLU C 297 30.37 42.95 -1.43
CA GLU C 297 31.07 41.82 -0.83
C GLU C 297 32.52 41.82 -1.28
N ASP C 298 33.43 41.62 -0.33
CA ASP C 298 34.85 41.62 -0.65
C ASP C 298 35.21 40.34 -1.43
N PRO C 299 36.26 40.39 -2.24
CA PRO C 299 36.65 39.18 -3.00
C PRO C 299 37.03 38.02 -2.11
N ARG C 300 37.52 38.26 -0.89
CA ARG C 300 37.95 37.17 -0.02
C ARG C 300 36.76 36.32 0.42
N VAL C 301 35.66 36.96 0.82
CA VAL C 301 34.49 36.21 1.24
C VAL C 301 33.93 35.40 0.08
N THR C 302 33.87 36.00 -1.11
CA THR C 302 33.39 35.29 -2.28
C THR C 302 34.27 34.09 -2.57
N ARG C 303 35.59 34.26 -2.53
CA ARG C 303 36.50 33.16 -2.81
C ARG C 303 36.32 32.04 -1.79
N ALA C 304 36.17 32.40 -0.50
CA ALA C 304 36.01 31.38 0.52
C ALA C 304 34.72 30.60 0.34
N LYS C 305 33.60 31.31 0.11
CA LYS C 305 32.33 30.63 -0.04
C LYS C 305 32.31 29.77 -1.30
N TYR C 306 32.93 30.24 -2.39
CA TYR C 306 32.99 29.43 -3.59
C TYR C 306 33.89 28.21 -3.41
N PHE C 307 34.98 28.36 -2.65
CA PHE C 307 35.81 27.19 -2.34
C PHE C 307 35.03 26.16 -1.54
N ILE C 308 34.26 26.62 -0.55
CA ILE C 308 33.45 25.69 0.24
C ILE C 308 32.41 25.01 -0.65
N ARG C 309 31.77 25.79 -1.54
CA ARG C 309 30.77 25.20 -2.44
C ARG C 309 31.40 24.18 -3.36
N LYS C 310 32.61 24.45 -3.84
CA LYS C 310 33.29 23.50 -4.72
C LYS C 310 33.68 22.24 -3.95
N GLU C 311 34.14 22.40 -2.71
CA GLU C 311 34.48 21.23 -1.90
C GLU C 311 33.25 20.37 -1.65
N PHE C 312 32.09 21.00 -1.47
CA PHE C 312 30.85 20.23 -1.29
C PHE C 312 30.42 19.57 -2.59
N VAL C 313 30.53 20.28 -3.71
CA VAL C 313 30.12 19.71 -4.99
C VAL C 313 31.02 18.55 -5.38
N ASP C 314 32.29 18.58 -4.97
CA ASP C 314 33.19 17.47 -5.27
C ASP C 314 32.66 16.16 -4.71
N ILE C 315 32.08 16.20 -3.50
CA ILE C 315 31.52 14.99 -2.92
C ILE C 315 30.11 14.75 -3.44
N SER C 316 29.37 15.82 -3.77
CA SER C 316 28.01 15.65 -4.28
C SER C 316 28.01 14.92 -5.61
N THR C 317 28.87 15.34 -6.54
CA THR C 317 28.92 14.71 -7.86
C THR C 317 29.45 13.30 -7.81
N ALA C 318 30.21 12.94 -6.77
CA ALA C 318 30.76 11.59 -6.67
C ALA C 318 29.63 10.58 -6.54
N SER C 319 29.67 9.55 -7.40
CA SER C 319 28.66 8.50 -7.39
C SER C 319 27.27 9.07 -7.63
N GLY C 320 27.19 10.08 -8.50
CA GLY C 320 25.90 10.69 -8.79
C GLY C 320 25.05 9.82 -9.70
N ASP C 321 25.61 9.40 -10.83
CA ASP C 321 24.96 8.53 -11.81
C ASP C 321 23.71 9.18 -12.42
N GLY C 322 23.55 10.49 -12.28
CA GLY C 322 22.41 11.17 -12.86
C GLY C 322 21.08 10.86 -12.21
N ARG C 323 21.07 10.12 -11.10
CA ARG C 323 19.84 9.77 -10.41
C ARG C 323 19.50 10.73 -9.27
N HIS C 324 20.47 11.48 -8.77
CA HIS C 324 20.23 12.47 -7.73
C HIS C 324 21.28 13.57 -7.83
N ILE C 325 20.83 14.81 -7.68
CA ILE C 325 21.68 15.98 -7.82
C ILE C 325 21.54 16.85 -6.58
N CYS C 326 22.65 17.43 -6.14
CA CYS C 326 22.65 18.33 -4.99
C CYS C 326 22.43 19.76 -5.47
N TYR C 327 21.88 20.58 -4.56
CA TYR C 327 21.56 21.98 -4.85
C TYR C 327 22.20 22.87 -3.79
N PRO C 328 23.47 23.25 -3.97
CA PRO C 328 24.09 24.17 -3.01
C PRO C 328 23.42 25.53 -3.05
N HIS C 329 23.12 26.06 -1.86
CA HIS C 329 22.49 27.36 -1.74
C HIS C 329 23.03 28.05 -0.49
N PHE C 330 23.12 29.38 -0.57
CA PHE C 330 23.61 30.20 0.53
C PHE C 330 22.42 30.85 1.23
N THR C 331 22.37 30.73 2.56
CA THR C 331 21.30 31.30 3.35
C THR C 331 21.88 31.80 4.67
N CYS C 332 21.03 32.51 5.43
CA CYS C 332 21.42 33.06 6.72
C CYS C 332 20.25 32.91 7.68
N SER C 333 20.50 33.28 8.94
CA SER C 333 19.45 33.19 9.95
C SER C 333 18.34 34.20 9.70
N VAL C 334 18.69 35.40 9.19
CA VAL C 334 17.69 36.42 8.91
C VAL C 334 17.12 36.32 7.51
N ASP C 335 17.68 35.47 6.65
CA ASP C 335 17.18 35.31 5.28
C ASP C 335 15.79 34.71 5.32
N THR C 336 14.77 35.52 4.99
CA THR C 336 13.40 35.05 4.97
C THR C 336 13.02 34.34 3.68
N GLU C 337 13.91 34.30 2.69
CA GLU C 337 13.62 33.67 1.41
C GLU C 337 13.94 32.17 1.41
N ASN C 338 14.08 31.55 2.57
CA ASN C 338 14.38 30.14 2.62
C ASN C 338 13.23 29.30 2.09
N ALA C 339 11.98 29.74 2.33
CA ALA C 339 10.84 28.97 1.85
C ALA C 339 10.76 28.97 0.32
N ARG C 340 11.21 30.04 -0.33
CA ARG C 340 11.15 30.11 -1.78
C ARG C 340 12.21 29.21 -2.41
N ARG C 341 13.41 29.16 -1.83
CA ARG C 341 14.45 28.30 -2.35
C ARG C 341 14.05 26.83 -2.28
N ILE C 342 13.49 26.41 -1.13
CA ILE C 342 13.02 25.04 -0.99
C ILE C 342 11.91 24.74 -1.99
N PHE C 343 11.03 25.72 -2.22
CA PHE C 343 9.95 25.54 -3.18
C PHE C 343 10.51 25.33 -4.58
N ASN C 344 11.48 26.15 -4.99
CA ASN C 344 12.07 25.99 -6.32
C ASN C 344 12.80 24.66 -6.44
N ASP C 345 13.51 24.25 -5.38
CA ASP C 345 14.20 22.97 -5.41
C ASP C 345 13.22 21.81 -5.55
N CYS C 346 12.11 21.86 -4.82
CA CYS C 346 11.09 20.81 -4.95
C CYS C 346 10.48 20.81 -6.33
N LYS C 347 10.23 21.99 -6.90
CA LYS C 347 9.71 22.06 -8.26
C LYS C 347 10.68 21.41 -9.24
N ASP C 348 11.98 21.73 -9.11
CA ASP C 348 12.96 21.15 -10.02
C ASP C 348 13.04 19.63 -9.86
N ILE C 349 12.98 19.15 -8.61
CA ILE C 349 13.05 17.72 -8.37
C ILE C 349 11.83 17.01 -8.97
N ILE C 350 10.65 17.61 -8.82
CA ILE C 350 9.45 17.02 -9.40
C ILE C 350 9.53 17.03 -10.92
N LEU C 351 10.07 18.10 -11.49
CA LEU C 351 10.23 18.17 -12.94
C LEU C 351 11.16 17.08 -13.44
N GLN C 352 12.28 16.88 -12.75
CA GLN C 352 13.22 15.83 -13.15
C GLN C 352 12.58 14.45 -13.00
N MET C 353 11.84 14.22 -11.91
CA MET C 353 11.18 12.94 -11.73
C MET C 353 10.16 12.68 -12.82
N ASN C 354 9.44 13.73 -13.25
CA ASN C 354 8.50 13.56 -14.35
C ASN C 354 9.23 13.27 -15.65
N LEU C 355 10.30 14.01 -15.95
CA LEU C 355 11.06 13.77 -17.16
C LEU C 355 11.59 12.33 -17.20
N ARG C 356 11.98 11.80 -16.05
CA ARG C 356 12.46 10.42 -16.01
C ARG C 356 11.31 9.43 -16.18
N GLU C 357 10.22 9.62 -15.44
CA GLU C 357 9.13 8.64 -15.47
C GLU C 357 8.33 8.72 -16.76
N TYR C 358 8.07 9.94 -17.25
CA TYR C 358 7.25 10.13 -18.43
C TYR C 358 8.04 9.96 -19.74
N ASN C 359 9.21 9.33 -19.69
CA ASN C 359 9.99 9.02 -20.89
C ASN C 359 10.31 10.29 -21.68
N LEU C 360 11.06 11.18 -21.04
CA LEU C 360 11.52 12.41 -21.68
C LEU C 360 13.00 12.70 -21.46
N VAL C 361 13.65 12.06 -20.49
CA VAL C 361 15.07 12.29 -20.24
C VAL C 361 15.90 11.67 -21.36
N GLU D 8 44.02 -1.64 37.29
CA GLU D 8 42.72 -2.21 37.76
C GLU D 8 41.85 -2.64 36.58
N LEU D 9 41.54 -1.69 35.71
CA LEU D 9 40.70 -1.99 34.55
C LEU D 9 41.34 -3.05 33.66
N ASP D 10 42.67 -3.03 33.54
CA ASP D 10 43.34 -4.02 32.70
C ASP D 10 43.12 -5.43 33.24
N GLN D 11 43.20 -5.60 34.57
CA GLN D 11 42.95 -6.93 35.15
C GLN D 11 41.51 -7.36 34.93
N LEU D 12 40.57 -6.42 35.02
CA LEU D 12 39.17 -6.76 34.78
C LEU D 12 38.95 -7.19 33.33
N ARG D 13 39.57 -6.49 32.38
CA ARG D 13 39.42 -6.87 30.99
C ARG D 13 40.07 -8.23 30.71
N GLN D 14 41.22 -8.49 31.32
CA GLN D 14 41.85 -9.80 31.17
C GLN D 14 40.98 -10.90 31.74
N GLU D 15 40.36 -10.67 32.90
CA GLU D 15 39.47 -11.66 33.48
C GLU D 15 38.25 -11.88 32.59
N ALA D 16 37.72 -10.81 32.00
CA ALA D 16 36.58 -10.95 31.12
C ALA D 16 36.95 -11.76 29.87
N GLU D 17 38.15 -11.50 29.32
CA GLU D 17 38.60 -12.28 28.17
C GLU D 17 38.79 -13.74 28.53
N GLN D 18 39.32 -14.01 29.73
CA GLN D 18 39.50 -15.39 30.16
C GLN D 18 38.15 -16.09 30.33
N LEU D 19 37.17 -15.39 30.89
CA LEU D 19 35.84 -15.96 31.04
C LEU D 19 35.20 -16.22 29.69
N LYS D 20 35.37 -15.31 28.73
CA LYS D 20 34.85 -15.54 27.39
C LYS D 20 35.50 -16.76 26.74
N ASN D 21 36.82 -16.89 26.89
CA ASN D 21 37.50 -18.06 26.34
C ASN D 21 37.02 -19.34 26.99
N GLN D 22 36.79 -19.32 28.31
CA GLN D 22 36.28 -20.50 29.00
C GLN D 22 34.88 -20.85 28.50
N ILE D 23 34.02 -19.85 28.32
CA ILE D 23 32.67 -20.11 27.82
C ILE D 23 32.74 -20.69 26.41
N ARG D 24 33.64 -20.17 25.58
CA ARG D 24 33.80 -20.70 24.23
C ARG D 24 34.25 -22.15 24.27
N ASP D 25 35.25 -22.46 25.10
CA ASP D 25 35.72 -23.84 25.21
C ASP D 25 34.64 -24.77 25.74
N ALA D 26 33.79 -24.28 26.65
CA ALA D 26 32.71 -25.12 27.17
C ALA D 26 31.65 -25.36 26.11
N ARG D 27 31.30 -24.33 25.34
CA ARG D 27 30.33 -24.51 24.26
C ARG D 27 30.88 -25.45 23.19
N LYS D 28 32.18 -25.39 22.93
CA LYS D 28 32.78 -26.29 21.95
C LYS D 28 32.88 -27.71 22.47
N ALA D 29 33.06 -27.87 23.79
CA ALA D 29 33.17 -29.21 24.36
C ALA D 29 31.85 -29.97 24.30
N CYS D 30 30.73 -29.26 24.43
CA CYS D 30 29.42 -29.89 24.38
C CYS D 30 28.94 -30.15 22.96
N ALA D 31 29.71 -29.75 21.94
CA ALA D 31 29.32 -29.97 20.55
C ALA D 31 29.74 -31.38 20.13
N ASP D 32 29.04 -32.36 20.71
CA ASP D 32 29.33 -33.76 20.39
C ASP D 32 28.91 -34.08 18.95
N ALA D 33 27.81 -33.51 18.49
CA ALA D 33 27.34 -33.74 17.13
C ALA D 33 26.50 -32.56 16.69
N THR D 34 26.47 -32.33 15.38
CA THR D 34 25.72 -31.24 14.80
C THR D 34 24.32 -31.69 14.42
N LEU D 35 23.42 -30.72 14.26
CA LEU D 35 22.04 -31.03 13.89
C LEU D 35 21.94 -31.57 12.47
N SER D 36 22.87 -31.19 11.60
CA SER D 36 22.85 -31.66 10.22
C SER D 36 23.19 -33.14 10.09
N GLN D 37 23.73 -33.76 11.14
CA GLN D 37 24.10 -35.17 11.10
C GLN D 37 23.02 -36.07 11.69
N ILE D 38 22.33 -35.64 12.75
CA ILE D 38 21.28 -36.45 13.33
C ILE D 38 20.05 -36.47 12.43
N THR D 39 19.69 -35.31 11.89
CA THR D 39 18.55 -35.19 10.98
C THR D 39 18.91 -35.51 9.52
N ASN D 40 20.04 -36.19 9.29
CA ASN D 40 20.43 -36.53 7.93
C ASN D 40 19.64 -37.69 7.36
N ASN D 41 19.04 -38.52 8.21
CA ASN D 41 18.28 -39.68 7.78
C ASN D 41 16.77 -39.44 7.80
N ILE D 42 16.32 -38.25 8.23
CA ILE D 42 14.90 -37.96 8.26
C ILE D 42 14.38 -37.80 6.83
N ASP D 43 13.09 -38.06 6.67
CA ASP D 43 12.46 -37.95 5.36
C ASP D 43 12.47 -36.49 4.91
N PRO D 44 12.62 -36.22 3.62
CA PRO D 44 12.66 -34.84 3.14
C PRO D 44 11.29 -34.18 3.24
N VAL D 45 11.31 -32.85 3.23
CA VAL D 45 10.08 -32.06 3.31
C VAL D 45 9.46 -31.83 1.94
N GLY D 46 10.24 -31.93 0.85
CA GLY D 46 9.72 -31.70 -0.47
C GLY D 46 9.56 -30.21 -0.77
N ARG D 47 8.59 -29.90 -1.62
CA ARG D 47 8.28 -28.53 -2.02
C ARG D 47 6.89 -28.16 -1.51
N ILE D 48 6.81 -27.07 -0.76
CA ILE D 48 5.57 -26.58 -0.20
C ILE D 48 5.16 -25.35 -1.01
N GLN D 49 4.12 -25.49 -1.82
CA GLN D 49 3.62 -24.40 -2.65
C GLN D 49 2.52 -23.65 -1.92
N MET D 50 2.63 -22.34 -1.87
CA MET D 50 1.65 -21.47 -1.24
C MET D 50 1.14 -20.44 -2.24
N ARG D 51 -0.18 -20.27 -2.28
CA ARG D 51 -0.82 -19.32 -3.18
C ARG D 51 -1.53 -18.25 -2.37
N THR D 52 -1.61 -17.05 -2.95
CA THR D 52 -2.26 -15.92 -2.30
C THR D 52 -3.75 -16.18 -2.21
N ARG D 53 -4.26 -16.34 -1.00
CA ARG D 53 -5.69 -16.57 -0.78
C ARG D 53 -6.45 -15.25 -0.69
N ARG D 54 -5.94 -14.30 0.10
CA ARG D 54 -6.57 -13.00 0.27
C ARG D 54 -5.52 -11.91 0.06
N THR D 55 -5.96 -10.79 -0.52
CA THR D 55 -5.10 -9.65 -0.81
C THR D 55 -5.68 -8.43 -0.11
N LEU D 56 -5.06 -8.04 1.01
CA LEU D 56 -5.50 -6.89 1.78
C LEU D 56 -4.78 -5.64 1.31
N ARG D 57 -5.54 -4.60 0.99
CA ARG D 57 -4.99 -3.34 0.52
C ARG D 57 -5.78 -2.19 1.13
N GLY D 58 -5.20 -1.01 1.09
CA GLY D 58 -5.84 0.19 1.62
C GLY D 58 -4.87 1.15 2.28
N HIS D 59 -3.69 0.65 2.64
CA HIS D 59 -2.69 1.51 3.28
C HIS D 59 -2.21 2.57 2.31
N LEU D 60 -1.97 3.77 2.85
CA LEU D 60 -1.53 4.90 2.03
C LEU D 60 -0.01 4.99 1.92
N ALA D 61 0.74 4.22 2.72
CA ALA D 61 2.19 4.26 2.70
C ALA D 61 2.71 2.84 2.86
N LYS D 62 4.01 2.72 3.13
CA LYS D 62 4.64 1.41 3.24
C LYS D 62 4.19 0.71 4.52
N ILE D 63 3.97 -0.61 4.42
CA ILE D 63 3.64 -1.43 5.56
C ILE D 63 4.92 -1.94 6.19
N TYR D 64 5.08 -1.73 7.49
CA TYR D 64 6.31 -2.07 8.21
C TYR D 64 6.16 -3.21 9.19
N ALA D 65 5.07 -3.27 9.95
CA ALA D 65 4.90 -4.26 10.99
C ALA D 65 3.47 -4.78 11.03
N MET D 66 3.31 -6.00 11.51
CA MET D 66 2.01 -6.63 11.68
C MET D 66 2.13 -7.70 12.75
N HIS D 67 0.99 -8.02 13.36
CA HIS D 67 0.96 -9.00 14.44
C HIS D 67 -0.42 -9.65 14.50
N TRP D 68 -0.44 -10.95 14.74
CA TRP D 68 -1.68 -11.70 14.91
C TRP D 68 -2.05 -11.76 16.37
N GLY D 69 -3.35 -11.59 16.66
CA GLY D 69 -3.85 -11.68 18.00
C GLY D 69 -4.16 -13.12 18.39
N THR D 70 -4.89 -13.25 19.51
CA THR D 70 -5.30 -14.58 19.96
C THR D 70 -6.16 -15.28 18.90
N ASP D 71 -7.17 -14.57 18.39
CA ASP D 71 -8.00 -15.11 17.33
C ASP D 71 -7.28 -14.97 15.99
N SER D 72 -7.14 -16.08 15.28
CA SER D 72 -6.43 -16.08 14.00
C SER D 72 -7.20 -15.39 12.89
N ARG D 73 -8.40 -14.88 13.17
CA ARG D 73 -9.19 -14.18 12.15
C ARG D 73 -8.88 -12.70 12.10
N LEU D 74 -8.59 -12.08 13.24
CA LEU D 74 -8.28 -10.66 13.28
C LEU D 74 -6.80 -10.44 12.97
N LEU D 75 -6.51 -9.31 12.34
CA LEU D 75 -5.14 -8.98 11.95
C LEU D 75 -4.98 -7.46 11.97
N VAL D 76 -3.87 -7.00 12.54
CA VAL D 76 -3.55 -5.58 12.62
C VAL D 76 -2.23 -5.34 11.89
N SER D 77 -2.18 -4.25 11.12
CA SER D 77 -1.00 -3.90 10.35
C SER D 77 -0.67 -2.43 10.59
N ALA D 78 0.63 -2.11 10.51
CA ALA D 78 1.13 -0.76 10.73
C ALA D 78 1.74 -0.23 9.45
N SER D 79 1.42 1.02 9.11
CA SER D 79 1.96 1.69 7.95
C SER D 79 2.41 3.09 8.34
N GLN D 80 3.44 3.58 7.65
CA GLN D 80 4.00 4.90 7.94
C GLN D 80 3.08 6.04 7.54
N ASP D 81 1.87 5.78 7.04
CA ASP D 81 0.92 6.84 6.73
C ASP D 81 0.20 7.38 7.96
N GLY D 82 0.28 6.68 9.09
CA GLY D 82 -0.39 7.09 10.30
C GLY D 82 -1.73 6.43 10.54
N LYS D 83 -1.95 5.24 9.99
CA LYS D 83 -3.23 4.54 10.12
C LYS D 83 -2.98 3.09 10.52
N LEU D 84 -3.75 2.61 11.49
CA LEU D 84 -3.72 1.22 11.93
C LEU D 84 -5.08 0.61 11.60
N ILE D 85 -5.11 -0.32 10.64
CA ILE D 85 -6.34 -0.93 10.16
C ILE D 85 -6.38 -2.37 10.64
N ILE D 86 -7.49 -2.76 11.26
CA ILE D 86 -7.73 -4.13 11.69
C ILE D 86 -8.43 -4.85 10.54
N TRP D 87 -7.79 -5.90 10.03
CA TRP D 87 -8.25 -6.60 8.83
C TRP D 87 -8.90 -7.91 9.23
N ASP D 88 -10.06 -8.19 8.64
CA ASP D 88 -10.73 -9.48 8.80
C ASP D 88 -10.21 -10.42 7.73
N SER D 89 -9.36 -11.37 8.12
CA SER D 89 -8.69 -12.24 7.15
C SER D 89 -9.68 -13.06 6.33
N TYR D 90 -10.88 -13.32 6.86
CA TYR D 90 -11.85 -14.15 6.15
C TYR D 90 -12.72 -13.34 5.20
N THR D 91 -13.27 -12.22 5.67
CA THR D 91 -14.15 -11.40 4.87
C THR D 91 -13.44 -10.23 4.20
N THR D 92 -12.15 -10.02 4.49
CA THR D 92 -11.38 -8.94 3.89
C THR D 92 -12.06 -7.58 4.11
N ASN D 93 -12.61 -7.38 5.30
CA ASN D 93 -13.30 -6.15 5.65
C ASN D 93 -12.50 -5.39 6.69
N LYS D 94 -12.47 -4.07 6.55
CA LYS D 94 -11.75 -3.21 7.49
C LYS D 94 -12.61 -3.01 8.73
N VAL D 95 -12.13 -3.47 9.88
CA VAL D 95 -12.91 -3.39 11.11
C VAL D 95 -12.83 -1.99 11.72
N HIS D 96 -11.62 -1.56 12.06
CA HIS D 96 -11.41 -0.27 12.70
C HIS D 96 -10.29 0.49 11.98
N ALA D 97 -10.34 1.81 12.10
CA ALA D 97 -9.32 2.71 11.56
C ALA D 97 -8.88 3.66 12.67
N ILE D 98 -7.60 3.61 13.01
CA ILE D 98 -7.05 4.39 14.12
C ILE D 98 -6.14 5.46 13.52
N PRO D 99 -6.54 6.74 13.52
CA PRO D 99 -5.64 7.78 13.02
C PRO D 99 -4.53 8.09 14.00
N LEU D 100 -3.29 7.73 13.65
CA LEU D 100 -2.16 7.94 14.54
C LEU D 100 -1.72 9.40 14.51
N ARG D 101 -1.23 9.88 15.65
CA ARG D 101 -0.71 11.24 15.72
C ARG D 101 0.63 11.35 15.02
N SER D 102 1.50 10.35 15.20
CA SER D 102 2.80 10.30 14.55
C SER D 102 2.72 9.36 13.34
N SER D 103 3.08 9.88 12.17
CA SER D 103 2.97 9.09 10.95
C SER D 103 4.10 8.07 10.82
N TRP D 104 5.30 8.40 11.32
CA TRP D 104 6.46 7.53 11.17
C TRP D 104 6.43 6.41 12.22
N VAL D 105 5.42 5.54 12.09
CA VAL D 105 5.30 4.38 12.94
C VAL D 105 6.19 3.27 12.43
N MET D 106 6.74 2.48 13.35
CA MET D 106 7.66 1.40 13.00
C MET D 106 7.27 0.03 13.54
N THR D 107 6.34 -0.05 14.50
CA THR D 107 5.95 -1.33 15.06
C THR D 107 4.53 -1.25 15.58
N CYS D 108 3.92 -2.42 15.78
CA CYS D 108 2.58 -2.51 16.35
C CYS D 108 2.48 -3.81 17.12
N ALA D 109 1.53 -3.84 18.06
CA ALA D 109 1.31 -5.00 18.90
C ALA D 109 -0.19 -5.18 19.15
N TYR D 110 -0.60 -6.44 19.23
CA TYR D 110 -2.00 -6.81 19.47
C TYR D 110 -2.06 -7.58 20.78
N ALA D 111 -2.79 -7.06 21.75
CA ALA D 111 -2.87 -7.70 23.06
C ALA D 111 -3.49 -9.09 22.93
N PRO D 112 -3.11 -10.02 23.83
CA PRO D 112 -3.69 -11.37 23.75
C PRO D 112 -5.17 -11.41 24.03
N SER D 113 -5.70 -10.46 24.79
CA SER D 113 -7.13 -10.43 25.09
C SER D 113 -7.95 -9.80 23.96
N GLY D 114 -7.30 -9.07 23.06
CA GLY D 114 -8.00 -8.43 21.96
C GLY D 114 -8.64 -7.11 22.29
N ASN D 115 -8.34 -6.52 23.45
CA ASN D 115 -8.95 -5.28 23.87
C ASN D 115 -8.08 -4.05 23.63
N TYR D 116 -6.76 -4.22 23.58
CA TYR D 116 -5.83 -3.10 23.42
C TYR D 116 -4.81 -3.42 22.34
N VAL D 117 -4.31 -2.37 21.70
CA VAL D 117 -3.25 -2.48 20.69
C VAL D 117 -2.27 -1.34 20.91
N ALA D 118 -1.00 -1.60 20.61
CA ALA D 118 0.07 -0.64 20.82
C ALA D 118 0.79 -0.37 19.52
N CYS D 119 1.55 0.72 19.49
CA CYS D 119 2.32 1.11 18.33
C CYS D 119 3.57 1.86 18.79
N GLY D 120 4.53 1.98 17.89
CA GLY D 120 5.76 2.66 18.21
C GLY D 120 6.54 3.01 16.96
N GLY D 121 7.31 4.09 17.02
CA GLY D 121 8.10 4.52 15.90
C GLY D 121 9.11 5.59 16.27
N LEU D 122 9.29 6.58 15.39
CA LEU D 122 10.24 7.66 15.65
C LEU D 122 9.74 8.64 16.69
N ASP D 123 8.50 8.52 17.16
CA ASP D 123 7.96 9.41 18.16
C ASP D 123 8.48 9.11 19.57
N ASN D 124 9.14 7.97 19.76
CA ASN D 124 9.69 7.60 21.06
C ASN D 124 8.62 7.47 22.14
N ILE D 125 7.36 7.28 21.74
CA ILE D 125 6.24 7.15 22.67
C ILE D 125 5.37 6.00 22.20
N CYS D 126 5.15 5.03 23.09
CA CYS D 126 4.29 3.88 22.79
C CYS D 126 2.87 4.21 23.24
N SER D 127 1.98 4.38 22.27
CA SER D 127 0.58 4.75 22.53
C SER D 127 -0.28 3.50 22.46
N ILE D 128 -0.99 3.21 23.54
CA ILE D 128 -1.89 2.07 23.62
C ILE D 128 -3.31 2.56 23.34
N TYR D 129 -3.95 1.94 22.35
CA TYR D 129 -5.31 2.29 21.95
C TYR D 129 -6.28 1.24 22.46
N ASN D 130 -7.38 1.69 23.05
CA ASN D 130 -8.40 0.80 23.58
C ASN D 130 -9.45 0.54 22.51
N LEU D 131 -9.73 -0.74 22.24
CA LEU D 131 -10.71 -1.12 21.23
C LEU D 131 -12.09 -1.40 21.82
N LYS D 132 -12.18 -1.69 23.12
CA LYS D 132 -13.44 -2.00 23.78
C LYS D 132 -14.01 -0.80 24.53
N THR D 133 -13.78 0.40 24.04
CA THR D 133 -14.31 1.59 24.68
C THR D 133 -15.83 1.60 24.63
N ARG D 134 -16.46 2.04 25.73
CA ARG D 134 -17.91 2.08 25.78
C ARG D 134 -18.46 3.10 24.80
N GLU D 135 -17.71 4.16 24.51
CA GLU D 135 -18.15 5.17 23.55
C GLU D 135 -18.10 4.68 22.11
N GLY D 136 -17.45 3.55 21.85
CA GLY D 136 -17.38 3.00 20.51
C GLY D 136 -16.31 3.58 19.62
N ASN D 137 -15.59 4.60 20.08
CA ASN D 137 -14.51 5.21 19.31
C ASN D 137 -13.17 4.88 19.94
N VAL D 138 -12.19 4.58 19.09
CA VAL D 138 -10.85 4.22 19.57
C VAL D 138 -10.14 5.48 20.02
N ARG D 139 -9.70 5.48 21.29
CA ARG D 139 -9.01 6.62 21.87
C ARG D 139 -7.70 6.16 22.49
N VAL D 140 -6.84 7.13 22.77
CA VAL D 140 -5.55 6.82 23.38
C VAL D 140 -5.75 6.50 24.85
N SER D 141 -5.24 5.34 25.28
CA SER D 141 -5.35 4.93 26.68
C SER D 141 -4.19 5.49 27.52
N ARG D 142 -2.96 5.18 27.12
CA ARG D 142 -1.78 5.67 27.82
C ARG D 142 -0.69 5.98 26.81
N GLU D 143 0.09 7.02 27.11
CA GLU D 143 1.21 7.45 26.27
C GLU D 143 2.50 7.14 27.03
N LEU D 144 3.03 5.94 26.80
CA LEU D 144 4.24 5.49 27.48
C LEU D 144 5.45 6.16 26.85
N ALA D 145 6.05 7.10 27.59
CA ALA D 145 7.23 7.82 27.14
C ALA D 145 8.38 7.61 28.11
N GLY D 146 9.60 7.82 27.62
CA GLY D 146 10.78 7.67 28.43
C GLY D 146 11.96 7.08 27.67
N HIS D 147 11.70 6.54 26.49
CA HIS D 147 12.76 5.98 25.66
C HIS D 147 13.46 7.08 24.88
N THR D 148 14.78 7.14 25.01
CA THR D 148 15.58 8.13 24.28
C THR D 148 15.97 7.61 22.89
N GLY D 149 14.96 7.19 22.13
CA GLY D 149 15.20 6.67 20.80
C GLY D 149 13.93 6.11 20.21
N TYR D 150 14.00 5.82 18.91
CA TYR D 150 12.85 5.29 18.20
C TYR D 150 12.49 3.90 18.71
N LEU D 151 11.20 3.62 18.77
CA LEU D 151 10.72 2.30 19.20
C LEU D 151 10.86 1.31 18.06
N SER D 152 11.44 0.14 18.35
CA SER D 152 11.70 -0.88 17.35
C SER D 152 10.64 -1.97 17.30
N CYS D 153 10.22 -2.48 18.45
CA CYS D 153 9.22 -3.54 18.49
C CYS D 153 8.54 -3.54 19.85
N CYS D 154 7.26 -3.91 19.87
CA CYS D 154 6.48 -3.98 21.09
C CYS D 154 5.68 -5.28 21.10
N ARG D 155 5.52 -5.87 22.28
CA ARG D 155 4.79 -7.11 22.44
C ARG D 155 4.11 -7.11 23.80
N PHE D 156 2.86 -7.57 23.83
CA PHE D 156 2.08 -7.64 25.07
C PHE D 156 2.34 -8.96 25.77
N LEU D 157 2.60 -8.88 27.07
CA LEU D 157 2.71 -10.08 27.90
C LEU D 157 1.36 -10.50 28.46
N ASP D 158 0.54 -9.54 28.88
CA ASP D 158 -0.81 -9.79 29.36
C ASP D 158 -1.64 -8.54 29.12
N ASP D 159 -2.83 -8.51 29.72
CA ASP D 159 -3.73 -7.37 29.51
C ASP D 159 -3.32 -6.13 30.29
N ASN D 160 -2.22 -6.19 31.05
CA ASN D 160 -1.81 -5.06 31.88
C ASN D 160 -0.35 -4.70 31.66
N GLN D 161 0.47 -5.67 31.27
CA GLN D 161 1.91 -5.47 31.10
C GLN D 161 2.27 -5.56 29.63
N ILE D 162 3.30 -4.80 29.24
CA ILE D 162 3.78 -4.78 27.86
C ILE D 162 5.27 -4.47 27.88
N VAL D 163 6.04 -5.19 27.07
CA VAL D 163 7.47 -4.95 26.92
C VAL D 163 7.70 -4.22 25.60
N THR D 164 8.60 -3.24 25.63
CA THR D 164 8.90 -2.43 24.45
C THR D 164 10.40 -2.39 24.22
N SER D 165 10.78 -2.23 22.96
CA SER D 165 12.18 -2.14 22.55
C SER D 165 12.39 -0.84 21.80
N SER D 166 13.55 -0.22 22.03
CA SER D 166 13.89 1.06 21.40
C SER D 166 15.33 1.01 20.92
N GLY D 167 15.66 1.94 20.03
CA GLY D 167 17.00 2.06 19.49
C GLY D 167 18.01 2.68 20.42
N ASP D 168 17.62 3.01 21.66
CA ASP D 168 18.52 3.60 22.63
C ASP D 168 19.38 2.57 23.37
N THR D 169 19.44 1.34 22.86
CA THR D 169 20.23 0.26 23.45
C THR D 169 19.67 -0.23 24.77
N THR D 170 18.48 0.23 25.17
CA THR D 170 17.88 -0.15 26.44
C THR D 170 16.43 -0.56 26.21
N CYS D 171 16.00 -1.59 26.92
CA CYS D 171 14.63 -2.06 26.91
C CYS D 171 13.99 -1.82 28.28
N ALA D 172 12.66 -1.81 28.29
CA ALA D 172 11.93 -1.53 29.52
C ALA D 172 10.62 -2.32 29.51
N LEU D 173 10.15 -2.65 30.72
CA LEU D 173 8.88 -3.34 30.91
C LEU D 173 7.89 -2.33 31.49
N TRP D 174 6.82 -2.05 30.75
CA TRP D 174 5.86 -1.03 31.11
C TRP D 174 4.63 -1.63 31.79
N ASP D 175 4.01 -0.83 32.65
CA ASP D 175 2.76 -1.19 33.33
C ASP D 175 1.70 -0.19 32.89
N ILE D 176 0.73 -0.67 32.11
CA ILE D 176 -0.31 0.22 31.58
C ILE D 176 -1.13 0.83 32.70
N GLU D 177 -1.19 0.17 33.85
CA GLU D 177 -1.99 0.69 34.96
C GLU D 177 -1.43 2.02 35.46
N THR D 178 -0.12 2.10 35.66
CA THR D 178 0.53 3.30 36.16
C THR D 178 1.34 4.04 35.11
N GLY D 179 1.89 3.33 34.13
CA GLY D 179 2.67 3.98 33.09
C GLY D 179 4.11 4.24 33.48
N GLN D 180 4.74 3.31 34.17
CA GLN D 180 6.13 3.45 34.61
C GLN D 180 6.89 2.17 34.30
N GLN D 181 8.20 2.31 34.11
CA GLN D 181 9.05 1.17 33.80
C GLN D 181 9.27 0.33 35.06
N THR D 182 8.76 -0.90 35.04
CA THR D 182 8.95 -1.79 36.18
C THR D 182 10.31 -2.48 36.15
N THR D 183 10.88 -2.67 34.96
CA THR D 183 12.19 -3.29 34.81
C THR D 183 12.89 -2.66 33.61
N THR D 184 14.20 -2.49 33.72
CA THR D 184 15.01 -1.88 32.67
C THR D 184 16.16 -2.81 32.33
N PHE D 185 16.43 -2.96 31.03
CA PHE D 185 17.51 -3.82 30.53
C PHE D 185 18.52 -2.94 29.80
N THR D 186 19.77 -2.96 30.28
CA THR D 186 20.84 -2.14 29.72
C THR D 186 22.08 -2.97 29.42
N GLY D 187 21.89 -4.24 29.06
CA GLY D 187 23.03 -5.10 28.77
C GLY D 187 23.51 -5.06 27.34
N HIS D 188 22.63 -4.72 26.40
CA HIS D 188 23.02 -4.68 24.99
C HIS D 188 23.96 -3.52 24.73
N THR D 189 24.63 -3.58 23.58
CA THR D 189 25.54 -2.53 23.14
C THR D 189 25.14 -1.99 21.77
N GLY D 190 23.88 -2.18 21.37
CA GLY D 190 23.41 -1.70 20.09
C GLY D 190 21.91 -1.52 20.10
N ASP D 191 21.40 -0.99 18.99
CA ASP D 191 19.97 -0.72 18.88
C ASP D 191 19.20 -2.03 18.74
N VAL D 192 18.28 -2.27 19.67
CA VAL D 192 17.44 -3.46 19.60
C VAL D 192 16.45 -3.30 18.46
N MET D 193 16.26 -4.38 17.70
CA MET D 193 15.42 -4.35 16.50
C MET D 193 14.09 -5.07 16.67
N SER D 194 14.09 -6.26 17.28
CA SER D 194 12.86 -7.02 17.43
C SER D 194 12.93 -7.85 18.71
N LEU D 195 11.76 -8.21 19.21
CA LEU D 195 11.62 -9.03 20.42
C LEU D 195 11.01 -10.37 20.06
N SER D 196 11.00 -11.27 21.04
CA SER D 196 10.42 -12.61 20.84
C SER D 196 10.01 -13.14 22.21
N LEU D 197 8.71 -13.24 22.45
CA LEU D 197 8.18 -13.73 23.71
C LEU D 197 8.01 -15.24 23.66
N ALA D 198 8.37 -15.90 24.75
CA ALA D 198 8.21 -17.33 24.85
C ALA D 198 6.75 -17.70 25.06
N PRO D 199 6.34 -18.92 24.71
CA PRO D 199 4.94 -19.31 24.93
C PRO D 199 4.52 -19.26 26.39
N ASP D 200 5.47 -19.40 27.32
CA ASP D 200 5.16 -19.31 28.75
C ASP D 200 5.07 -17.87 29.24
N THR D 201 5.49 -16.90 28.42
CA THR D 201 5.43 -15.48 28.79
C THR D 201 6.25 -15.17 30.04
N ARG D 202 7.30 -15.98 30.29
CA ARG D 202 8.20 -15.76 31.41
C ARG D 202 9.60 -15.32 31.00
N LEU D 203 10.03 -15.66 29.79
CA LEU D 203 11.34 -15.27 29.29
C LEU D 203 11.21 -14.79 27.85
N PHE D 204 12.15 -13.94 27.44
CA PHE D 204 12.15 -13.40 26.09
C PHE D 204 13.57 -13.04 25.70
N VAL D 205 13.93 -13.34 24.45
CA VAL D 205 15.24 -13.05 23.90
C VAL D 205 15.11 -12.00 22.81
N SER D 206 16.05 -11.05 22.78
CA SER D 206 16.03 -9.96 21.83
C SER D 206 17.38 -9.84 21.14
N GLY D 207 17.37 -9.25 19.95
CA GLY D 207 18.58 -9.04 19.18
C GLY D 207 18.76 -7.56 18.86
N ALA D 208 20.02 -7.15 18.77
CA ALA D 208 20.39 -5.77 18.50
C ALA D 208 21.41 -5.72 17.37
N CYS D 209 21.91 -4.51 17.09
CA CYS D 209 22.89 -4.30 16.04
C CYS D 209 24.28 -4.80 16.42
N ASP D 210 24.47 -5.31 17.63
CA ASP D 210 25.76 -5.82 18.08
C ASP D 210 26.03 -7.24 17.61
N ALA D 211 25.23 -7.77 16.68
CA ALA D 211 25.41 -9.11 16.15
C ALA D 211 25.37 -10.16 17.26
N SER D 212 24.52 -9.93 18.25
CA SER D 212 24.39 -10.86 19.36
C SER D 212 22.98 -10.76 19.94
N ALA D 213 22.51 -11.87 20.51
CA ALA D 213 21.20 -11.94 21.15
C ALA D 213 21.37 -12.43 22.57
N LYS D 214 20.63 -11.81 23.49
CA LYS D 214 20.71 -12.13 24.92
C LYS D 214 19.31 -12.46 25.44
N LEU D 215 19.23 -13.54 26.22
CA LEU D 215 17.97 -13.95 26.82
C LEU D 215 17.73 -13.16 28.09
N TRP D 216 16.57 -12.49 28.15
CA TRP D 216 16.23 -11.65 29.29
C TRP D 216 15.16 -12.32 30.15
N ASP D 217 15.09 -11.90 31.40
CA ASP D 217 14.11 -12.38 32.36
C ASP D 217 13.14 -11.26 32.70
N VAL D 218 11.85 -11.62 32.82
CA VAL D 218 10.83 -10.62 33.09
C VAL D 218 10.85 -10.23 34.55
N ARG D 219 11.00 -11.20 35.45
CA ARG D 219 10.97 -10.92 36.89
C ARG D 219 12.35 -10.50 37.39
N GLU D 220 13.36 -11.36 37.21
CA GLU D 220 14.69 -11.04 37.69
C GLU D 220 15.30 -9.86 36.95
N GLY D 221 14.98 -9.71 35.66
CA GLY D 221 15.52 -8.59 34.89
C GLY D 221 17.01 -8.66 34.67
N MET D 222 17.56 -9.86 34.49
CA MET D 222 18.98 -10.05 34.26
C MET D 222 19.19 -11.04 33.12
N CYS D 223 20.22 -10.80 32.32
CA CYS D 223 20.53 -11.68 31.19
C CYS D 223 21.33 -12.88 31.67
N ARG D 224 20.93 -14.07 31.25
CA ARG D 224 21.60 -15.31 31.63
C ARG D 224 22.48 -15.88 30.53
N GLN D 225 22.10 -15.72 29.27
CA GLN D 225 22.84 -16.27 28.15
C GLN D 225 23.03 -15.21 27.07
N THR D 226 24.17 -15.25 26.39
CA THR D 226 24.48 -14.33 25.30
C THR D 226 24.88 -15.16 24.09
N PHE D 227 24.15 -14.98 23.00
CA PHE D 227 24.39 -15.72 21.76
C PHE D 227 25.06 -14.82 20.74
N THR D 228 26.06 -15.38 20.05
CA THR D 228 26.80 -14.67 19.01
C THR D 228 26.94 -15.58 17.79
N GLY D 229 27.57 -15.05 16.75
CA GLY D 229 27.80 -15.80 15.53
C GLY D 229 27.45 -15.02 14.28
N HIS D 230 26.75 -13.92 14.43
CA HIS D 230 26.37 -13.07 13.30
C HIS D 230 27.49 -12.11 12.96
N GLU D 231 27.52 -11.70 11.69
CA GLU D 231 28.53 -10.77 11.18
C GLU D 231 27.93 -9.41 10.84
N SER D 232 26.66 -9.17 11.16
CA SER D 232 26.02 -7.90 10.86
C SER D 232 24.92 -7.67 11.90
N ASP D 233 24.09 -6.66 11.66
CA ASP D 233 23.05 -6.31 12.61
C ASP D 233 21.91 -7.32 12.54
N ILE D 234 21.42 -7.73 13.70
CA ILE D 234 20.29 -8.66 13.79
C ILE D 234 19.02 -7.83 13.73
N ASN D 235 18.25 -8.00 12.65
CA ASN D 235 17.03 -7.22 12.45
C ASN D 235 15.80 -7.92 13.00
N ALA D 236 15.74 -9.25 12.93
CA ALA D 236 14.57 -10.00 13.33
C ALA D 236 14.97 -11.11 14.30
N ILE D 237 13.98 -11.61 15.04
CA ILE D 237 14.19 -12.70 15.98
C ILE D 237 12.83 -13.30 16.30
N CYS D 238 12.78 -14.63 16.40
CA CYS D 238 11.55 -15.33 16.70
C CYS D 238 11.88 -16.58 17.51
N PHE D 239 11.06 -16.86 18.51
CA PHE D 239 11.27 -18.00 19.39
C PHE D 239 10.59 -19.24 18.85
N PHE D 240 11.18 -20.40 19.15
CA PHE D 240 10.62 -21.66 18.70
C PHE D 240 9.30 -21.94 19.41
N PRO D 241 8.34 -22.57 18.74
CA PRO D 241 7.04 -22.84 19.41
C PRO D 241 7.17 -23.52 20.76
N ASN D 242 8.19 -24.35 20.96
CA ASN D 242 8.34 -25.03 22.25
C ASN D 242 8.85 -24.08 23.33
N GLY D 243 9.66 -23.09 22.94
CA GLY D 243 10.20 -22.14 23.87
C GLY D 243 11.62 -22.42 24.33
N ASN D 244 12.32 -23.36 23.70
CA ASN D 244 13.69 -23.70 24.07
C ASN D 244 14.70 -23.29 23.01
N ALA D 245 14.27 -22.68 21.92
CA ALA D 245 15.19 -22.26 20.86
C ALA D 245 14.60 -21.04 20.17
N PHE D 246 15.43 -20.42 19.33
CA PHE D 246 15.01 -19.23 18.59
C PHE D 246 15.96 -19.02 17.42
N ALA D 247 15.46 -18.31 16.41
CA ALA D 247 16.23 -17.95 15.23
C ALA D 247 16.37 -16.44 15.15
N THR D 248 17.45 -16.00 14.51
CA THR D 248 17.76 -14.58 14.38
C THR D 248 18.16 -14.29 12.94
N GLY D 249 17.55 -13.26 12.35
CA GLY D 249 17.88 -12.82 11.01
C GLY D 249 18.76 -11.60 11.03
N SER D 250 19.68 -11.52 10.06
CA SER D 250 20.61 -10.41 9.95
C SER D 250 20.78 -10.04 8.49
N ASP D 251 21.44 -8.90 8.26
CA ASP D 251 21.67 -8.40 6.91
C ASP D 251 22.71 -9.22 6.16
N ASP D 252 23.36 -10.18 6.80
CA ASP D 252 24.39 -11.01 6.16
C ASP D 252 23.79 -12.10 5.28
N ALA D 253 22.47 -12.12 5.10
CA ALA D 253 21.79 -13.12 4.28
C ALA D 253 21.99 -14.53 4.81
N THR D 254 22.24 -14.67 6.10
CA THR D 254 22.45 -15.97 6.75
C THR D 254 21.63 -16.02 8.02
N CYS D 255 20.64 -16.90 8.06
CA CYS D 255 19.83 -17.10 9.24
C CYS D 255 20.40 -18.23 10.10
N ARG D 256 20.41 -18.02 11.41
CA ARG D 256 20.99 -18.97 12.35
C ARG D 256 19.94 -19.36 13.39
N LEU D 257 20.06 -20.59 13.87
CA LEU D 257 19.16 -21.15 14.87
C LEU D 257 19.94 -21.36 16.17
N PHE D 258 19.48 -20.74 17.24
CA PHE D 258 20.11 -20.83 18.55
C PHE D 258 19.19 -21.53 19.53
N ASP D 259 19.77 -22.37 20.38
CA ASP D 259 19.04 -23.12 21.39
C ASP D 259 19.41 -22.60 22.77
N LEU D 260 18.39 -22.40 23.61
CA LEU D 260 18.64 -21.89 24.95
C LEU D 260 19.25 -22.95 25.85
N ARG D 261 18.90 -24.23 25.65
CA ARG D 261 19.45 -25.29 26.48
C ARG D 261 20.90 -25.60 26.12
N ALA D 262 21.22 -25.61 24.82
CA ALA D 262 22.59 -25.86 24.39
C ALA D 262 23.48 -24.64 24.48
N ASP D 263 22.89 -23.44 24.45
CA ASP D 263 23.65 -22.19 24.57
C ASP D 263 24.66 -22.05 23.43
N GLN D 264 24.22 -22.36 22.21
CA GLN D 264 25.06 -22.26 21.03
C GLN D 264 24.19 -22.50 19.80
N GLU D 265 24.77 -22.21 18.63
CA GLU D 265 24.05 -22.38 17.38
C GLU D 265 23.97 -23.85 17.00
N LEU D 266 22.88 -24.21 16.34
CA LEU D 266 22.63 -25.59 15.91
C LEU D 266 22.63 -25.75 14.40
N MET D 267 22.12 -24.79 13.65
CA MET D 267 22.03 -24.89 12.21
C MET D 267 22.20 -23.52 11.59
N THR D 268 22.62 -23.50 10.32
CA THR D 268 22.83 -22.27 9.57
C THR D 268 22.12 -22.38 8.24
N TYR D 269 21.33 -21.36 7.90
CA TYR D 269 20.56 -21.31 6.66
C TYR D 269 21.19 -20.24 5.76
N SER D 270 21.73 -20.67 4.63
CA SER D 270 22.37 -19.74 3.70
C SER D 270 22.38 -20.36 2.32
N HIS D 271 22.48 -19.49 1.31
CA HIS D 271 22.53 -19.93 -0.08
C HIS D 271 23.36 -18.93 -0.87
N ASP D 272 24.18 -19.44 -1.79
CA ASP D 272 25.03 -18.58 -2.59
C ASP D 272 24.24 -17.64 -3.49
N ASN D 273 22.98 -17.96 -3.78
CA ASN D 273 22.17 -17.11 -4.64
C ASN D 273 21.51 -15.96 -3.89
N ILE D 274 21.35 -16.08 -2.58
CA ILE D 274 20.73 -15.05 -1.75
C ILE D 274 21.84 -14.22 -1.13
N ILE D 275 21.80 -12.91 -1.37
CA ILE D 275 22.80 -11.98 -0.84
C ILE D 275 22.12 -10.85 -0.10
N CYS D 276 20.79 -10.75 -0.24
CA CYS D 276 20.04 -9.69 0.41
C CYS D 276 19.83 -10.00 1.89
N GLY D 277 19.65 -8.95 2.67
CA GLY D 277 19.49 -9.10 4.10
C GLY D 277 18.13 -9.67 4.49
N ILE D 278 18.04 -10.07 5.75
CA ILE D 278 16.81 -10.63 6.32
C ILE D 278 16.11 -9.54 7.12
N THR D 279 14.81 -9.41 6.91
CA THR D 279 14.01 -8.39 7.59
C THR D 279 13.10 -8.95 8.67
N SER D 280 12.47 -10.09 8.43
CA SER D 280 11.57 -10.71 9.40
C SER D 280 11.72 -12.23 9.34
N VAL D 281 11.61 -12.86 10.50
CA VAL D 281 11.71 -14.31 10.64
C VAL D 281 10.54 -14.80 11.48
N SER D 282 9.97 -15.95 11.09
CA SER D 282 8.85 -16.51 11.82
C SER D 282 8.89 -18.03 11.69
N PHE D 283 8.21 -18.69 12.62
CA PHE D 283 8.12 -20.14 12.64
C PHE D 283 6.67 -20.58 12.46
N SER D 284 6.50 -21.83 12.05
CA SER D 284 5.18 -22.41 11.85
C SER D 284 4.61 -22.82 13.20
N LYS D 285 3.46 -23.50 13.19
CA LYS D 285 2.84 -23.93 14.43
C LYS D 285 3.68 -25.00 15.12
N SER D 286 4.20 -25.97 14.36
CA SER D 286 5.02 -27.04 14.91
C SER D 286 6.51 -26.76 14.82
N GLY D 287 6.91 -25.75 14.05
CA GLY D 287 8.31 -25.42 13.91
C GLY D 287 9.05 -26.21 12.85
N ARG D 288 8.35 -27.00 12.04
CA ARG D 288 9.01 -27.79 11.01
C ARG D 288 9.49 -26.91 9.87
N LEU D 289 8.69 -25.91 9.49
CA LEU D 289 9.01 -24.99 8.41
C LEU D 289 9.41 -23.65 8.99
N LEU D 290 10.55 -23.11 8.53
CA LEU D 290 11.06 -21.83 8.99
C LEU D 290 10.90 -20.81 7.86
N LEU D 291 10.07 -19.81 8.08
CA LEU D 291 9.82 -18.75 7.10
C LEU D 291 10.59 -17.50 7.47
N ALA D 292 11.27 -16.92 6.50
CA ALA D 292 12.06 -15.71 6.71
C ALA D 292 11.90 -14.79 5.52
N GLY D 293 11.82 -13.49 5.79
CA GLY D 293 11.67 -12.48 4.75
C GLY D 293 13.01 -11.87 4.38
N TYR D 294 13.22 -11.70 3.08
CA TYR D 294 14.46 -11.16 2.55
C TYR D 294 14.18 -9.88 1.78
N ASP D 295 15.24 -9.11 1.54
CA ASP D 295 15.15 -7.86 0.80
C ASP D 295 15.08 -8.06 -0.71
N ASP D 296 15.05 -9.30 -1.18
CA ASP D 296 15.01 -9.61 -2.61
C ASP D 296 13.58 -9.66 -3.16
N PHE D 297 12.64 -9.02 -2.48
CA PHE D 297 11.23 -8.97 -2.88
C PHE D 297 10.55 -10.33 -2.78
N ASN D 298 11.20 -11.32 -2.16
CA ASN D 298 10.65 -12.65 -2.01
C ASN D 298 10.74 -13.07 -0.54
N CYS D 299 10.04 -14.16 -0.22
CA CYS D 299 10.03 -14.73 1.13
C CYS D 299 10.29 -16.23 1.00
N ASN D 300 11.51 -16.66 1.32
CA ASN D 300 11.91 -18.05 1.19
C ASN D 300 11.57 -18.82 2.45
N VAL D 301 11.15 -20.08 2.28
CA VAL D 301 10.83 -20.98 3.37
C VAL D 301 11.97 -21.98 3.51
N TRP D 302 12.51 -22.09 4.72
CA TRP D 302 13.64 -22.97 5.00
C TRP D 302 13.20 -24.11 5.92
N ASP D 303 13.84 -25.27 5.72
CA ASP D 303 13.56 -26.44 6.56
C ASP D 303 14.30 -26.29 7.88
N ALA D 304 13.56 -26.39 8.99
CA ALA D 304 14.17 -26.19 10.30
C ALA D 304 15.13 -27.32 10.68
N LEU D 305 14.97 -28.51 10.08
CA LEU D 305 15.80 -29.65 10.41
C LEU D 305 16.80 -30.02 9.32
N LYS D 306 16.61 -29.54 8.10
CA LYS D 306 17.52 -29.85 7.00
C LYS D 306 18.10 -28.62 6.31
N ALA D 307 17.60 -27.42 6.61
CA ALA D 307 18.10 -26.18 6.03
C ALA D 307 17.91 -26.13 4.52
N ASP D 308 17.00 -26.93 3.98
CA ASP D 308 16.70 -26.92 2.55
C ASP D 308 15.51 -26.01 2.28
N ARG D 309 15.63 -25.21 1.21
CA ARG D 309 14.58 -24.29 0.83
C ARG D 309 13.36 -25.07 0.35
N ALA D 310 12.28 -25.04 1.14
CA ALA D 310 11.08 -25.79 0.82
C ALA D 310 10.16 -25.07 -0.16
N GLY D 311 10.39 -23.79 -0.42
CA GLY D 311 9.55 -23.05 -1.34
C GLY D 311 9.99 -21.61 -1.42
N VAL D 312 9.33 -20.88 -2.32
CA VAL D 312 9.61 -19.47 -2.55
C VAL D 312 8.29 -18.73 -2.74
N LEU D 313 8.15 -17.59 -2.07
CA LEU D 313 6.96 -16.75 -2.15
C LEU D 313 7.37 -15.43 -2.81
N ALA D 314 6.95 -15.23 -4.05
CA ALA D 314 7.27 -14.04 -4.82
C ALA D 314 6.01 -13.28 -5.22
N GLY D 315 5.10 -13.12 -4.27
CA GLY D 315 3.86 -12.41 -4.53
C GLY D 315 3.91 -10.92 -4.30
N HIS D 316 5.02 -10.41 -3.75
CA HIS D 316 5.20 -8.99 -3.50
C HIS D 316 6.20 -8.41 -4.49
N ASP D 317 6.05 -7.12 -4.77
CA ASP D 317 6.92 -6.41 -5.71
C ASP D 317 7.89 -5.46 -5.03
N ASN D 318 7.90 -5.42 -3.69
CA ASN D 318 8.79 -4.55 -2.94
C ASN D 318 9.38 -5.32 -1.77
N ARG D 319 10.20 -4.64 -0.97
CA ARG D 319 10.85 -5.29 0.16
C ARG D 319 9.80 -5.81 1.15
N VAL D 320 9.93 -7.09 1.50
CA VAL D 320 9.09 -7.68 2.53
C VAL D 320 9.56 -7.15 3.88
N SER D 321 8.74 -6.33 4.52
CA SER D 321 9.14 -5.66 5.76
C SER D 321 8.69 -6.41 7.01
N CYS D 322 7.74 -7.35 6.90
CA CYS D 322 7.23 -8.04 8.08
C CYS D 322 6.74 -9.42 7.67
N LEU D 323 6.52 -10.26 8.67
CA LEU D 323 6.08 -11.62 8.46
C LEU D 323 5.41 -12.12 9.73
N GLY D 324 4.26 -12.77 9.58
CA GLY D 324 3.51 -13.28 10.72
C GLY D 324 2.73 -14.53 10.40
N VAL D 325 2.77 -15.52 11.31
CA VAL D 325 2.05 -16.77 11.16
C VAL D 325 0.98 -16.83 12.23
N THR D 326 -0.22 -17.27 11.84
CA THR D 326 -1.32 -17.37 12.78
C THR D 326 -0.99 -18.39 13.88
N ASP D 327 -1.76 -18.30 14.97
CA ASP D 327 -1.51 -19.19 16.11
C ASP D 327 -1.82 -20.64 15.76
N ASP D 328 -2.72 -20.87 14.81
CA ASP D 328 -3.10 -22.22 14.41
C ASP D 328 -2.41 -22.67 13.11
N GLY D 329 -1.55 -21.85 12.54
CA GLY D 329 -0.85 -22.21 11.32
C GLY D 329 -1.73 -22.38 10.11
N MET D 330 -2.97 -21.90 10.15
CA MET D 330 -3.87 -22.06 9.00
C MET D 330 -3.45 -21.17 7.84
N ALA D 331 -3.02 -19.94 8.13
CA ALA D 331 -2.65 -18.99 7.09
C ALA D 331 -1.42 -18.20 7.54
N VAL D 332 -0.72 -17.64 6.56
CA VAL D 332 0.46 -16.81 6.80
C VAL D 332 0.25 -15.47 6.11
N ALA D 333 0.75 -14.41 6.74
CA ALA D 333 0.62 -13.05 6.23
C ALA D 333 2.00 -12.47 5.95
N THR D 334 2.13 -11.80 4.81
CA THR D 334 3.38 -11.17 4.40
C THR D 334 3.10 -9.73 3.99
N GLY D 335 3.78 -8.79 4.64
CA GLY D 335 3.64 -7.38 4.35
C GLY D 335 4.88 -6.83 3.68
N SER D 336 4.67 -5.84 2.80
CA SER D 336 5.76 -5.24 2.04
C SER D 336 5.53 -3.74 1.96
N TRP D 337 6.53 -3.04 1.41
CA TRP D 337 6.45 -1.60 1.26
C TRP D 337 5.54 -1.17 0.13
N ASP D 338 4.98 -2.11 -0.64
CA ASP D 338 4.08 -1.80 -1.74
C ASP D 338 2.64 -1.59 -1.28
N SER D 339 2.41 -1.36 0.01
CA SER D 339 1.09 -1.04 0.55
C SER D 339 0.10 -2.19 0.41
N PHE D 340 0.59 -3.41 0.22
CA PHE D 340 -0.26 -4.59 0.13
C PHE D 340 0.10 -5.57 1.25
N LEU D 341 -0.88 -6.35 1.68
CA LEU D 341 -0.71 -7.36 2.73
C LEU D 341 -1.45 -8.61 2.28
N LYS D 342 -0.74 -9.50 1.59
CA LYS D 342 -1.32 -10.71 1.05
C LYS D 342 -1.27 -11.84 2.08
N ILE D 343 -2.30 -12.70 2.03
CA ILE D 343 -2.41 -13.85 2.92
C ILE D 343 -2.09 -15.10 2.12
N TRP D 344 -1.27 -15.97 2.70
CA TRP D 344 -0.85 -17.22 2.06
C TRP D 344 -1.48 -18.38 2.82
N ASN D 345 -2.23 -19.21 2.11
CA ASN D 345 -2.90 -20.36 2.71
C ASN D 345 -3.79 -19.93 3.87
N VAL E 1 -22.72 7.67 27.25
CA VAL E 1 -23.84 7.31 26.33
C VAL E 1 -25.18 7.66 27.00
N GLN E 2 -26.05 8.32 26.26
CA GLN E 2 -27.36 8.69 26.76
C GLN E 2 -28.24 9.08 25.58
N LEU E 3 -29.48 8.57 25.57
CA LEU E 3 -30.45 8.84 24.52
C LEU E 3 -31.73 9.35 25.16
N VAL E 4 -32.12 10.58 24.82
CA VAL E 4 -33.31 11.22 25.35
C VAL E 4 -34.24 11.49 24.18
N GLU E 5 -35.37 10.79 24.12
CA GLU E 5 -36.34 10.95 23.05
C GLU E 5 -37.30 12.07 23.39
N SER E 6 -37.78 12.74 22.34
CA SER E 6 -38.72 13.84 22.50
C SER E 6 -39.65 13.88 21.30
N GLY E 7 -40.81 14.51 21.49
CA GLY E 7 -41.81 14.64 20.45
C GLY E 7 -43.10 13.88 20.70
N GLY E 8 -43.23 13.22 21.87
CA GLY E 8 -44.44 12.49 22.15
C GLY E 8 -45.57 13.37 22.65
N GLY E 9 -46.79 12.89 22.43
CA GLY E 9 -47.96 13.63 22.85
C GLY E 9 -49.21 13.02 22.27
N LEU E 10 -50.33 13.71 22.50
CA LEU E 10 -51.63 13.26 22.01
C LEU E 10 -51.84 13.80 20.60
N VAL E 11 -51.96 12.90 19.62
CA VAL E 11 -52.17 13.27 18.22
C VAL E 11 -53.39 12.52 17.71
N GLN E 12 -54.25 13.23 16.99
CA GLN E 12 -55.45 12.61 16.45
C GLN E 12 -55.10 11.70 15.29
N PRO E 13 -55.97 10.74 14.95
CA PRO E 13 -55.69 9.85 13.83
C PRO E 13 -55.55 10.63 12.53
N GLY E 14 -54.55 10.25 11.73
CA GLY E 14 -54.30 10.89 10.46
C GLY E 14 -53.42 12.12 10.52
N GLY E 15 -53.04 12.56 11.71
CA GLY E 15 -52.20 13.74 11.86
C GLY E 15 -50.76 13.45 11.48
N SER E 16 -49.88 14.35 11.90
CA SER E 16 -48.46 14.24 11.62
C SER E 16 -47.67 14.64 12.85
N ARG E 17 -46.63 13.87 13.15
CA ARG E 17 -45.77 14.14 14.30
C ARG E 17 -44.38 13.60 14.02
N LYS E 18 -43.36 14.33 14.46
CA LYS E 18 -41.97 13.97 14.25
C LYS E 18 -41.28 13.79 15.59
N LEU E 19 -40.78 12.59 15.86
CA LEU E 19 -40.04 12.30 17.07
C LEU E 19 -38.58 12.67 16.89
N SER E 20 -37.98 13.21 17.96
CA SER E 20 -36.59 13.64 17.93
C SER E 20 -35.86 13.07 19.13
N CYS E 21 -34.69 12.48 18.89
CA CYS E 21 -33.86 11.91 19.93
C CYS E 21 -32.47 12.55 19.88
N SER E 22 -31.96 12.93 21.04
CA SER E 22 -30.66 13.57 21.17
C SER E 22 -29.64 12.55 21.61
N ALA E 23 -28.56 12.41 20.85
CA ALA E 23 -27.49 11.47 21.15
C ALA E 23 -26.28 12.22 21.69
N SER E 24 -25.61 11.63 22.67
CA SER E 24 -24.43 12.24 23.27
C SER E 24 -23.64 11.17 24.00
N GLY E 25 -22.34 11.40 24.13
CA GLY E 25 -21.45 10.49 24.82
C GLY E 25 -20.91 9.36 23.97
N PHE E 26 -21.11 9.40 22.66
CA PHE E 26 -20.60 8.35 21.78
C PHE E 26 -20.63 8.87 20.35
N ALA E 27 -19.99 8.12 19.46
CA ALA E 27 -19.93 8.47 18.04
C ALA E 27 -21.26 8.13 17.40
N PHE E 28 -22.14 9.13 17.28
CA PHE E 28 -23.45 8.89 16.68
C PHE E 28 -23.34 8.53 15.21
N SER E 29 -22.29 9.00 14.52
CA SER E 29 -22.15 8.72 13.10
C SER E 29 -21.77 7.26 12.85
N SER E 30 -21.01 6.65 13.76
CA SER E 30 -20.55 5.28 13.55
C SER E 30 -21.61 4.26 13.92
N PHE E 31 -22.49 4.57 14.86
CA PHE E 31 -23.51 3.64 15.30
C PHE E 31 -24.79 3.81 14.48
N GLY E 32 -25.39 2.68 14.09
CA GLY E 32 -26.66 2.71 13.44
C GLY E 32 -27.82 2.84 14.42
N MET E 33 -28.92 3.40 13.93
CA MET E 33 -30.08 3.69 14.77
C MET E 33 -31.23 2.77 14.42
N HIS E 34 -31.99 2.39 15.45
CA HIS E 34 -33.15 1.53 15.31
C HIS E 34 -34.32 2.12 16.09
N TRP E 35 -35.53 1.84 15.61
CA TRP E 35 -36.76 2.26 16.27
C TRP E 35 -37.59 1.03 16.60
N VAL E 36 -37.88 0.84 17.88
CA VAL E 36 -38.66 -0.30 18.37
C VAL E 36 -39.79 0.24 19.22
N ARG E 37 -41.02 -0.12 18.88
CA ARG E 37 -42.20 0.30 19.61
C ARG E 37 -42.61 -0.75 20.62
N GLN E 38 -43.44 -0.34 21.58
CA GLN E 38 -43.96 -1.23 22.62
C GLN E 38 -45.38 -0.78 22.94
N ALA E 39 -46.37 -1.50 22.42
CA ALA E 39 -47.75 -1.18 22.70
C ALA E 39 -48.06 -1.42 24.18
N PRO E 40 -49.06 -0.75 24.73
CA PRO E 40 -49.38 -0.93 26.15
C PRO E 40 -49.74 -2.38 26.46
N GLU E 41 -49.05 -2.95 27.44
CA GLU E 41 -49.27 -4.35 27.84
C GLU E 41 -49.11 -5.29 26.64
N LYS E 42 -48.06 -5.08 25.87
CA LYS E 42 -47.77 -5.90 24.70
C LYS E 42 -46.26 -6.07 24.57
N GLY E 43 -45.83 -6.70 23.49
CA GLY E 43 -44.42 -6.95 23.24
C GLY E 43 -43.79 -5.87 22.38
N LEU E 44 -42.54 -6.11 22.01
CA LEU E 44 -41.77 -5.18 21.19
C LEU E 44 -41.98 -5.48 19.72
N GLU E 45 -41.76 -4.46 18.89
CA GLU E 45 -41.90 -4.59 17.44
C GLU E 45 -40.91 -3.65 16.77
N TRP E 46 -40.16 -4.18 15.80
CA TRP E 46 -39.20 -3.37 15.06
C TRP E 46 -39.93 -2.46 14.08
N VAL E 47 -39.50 -1.20 14.03
CA VAL E 47 -40.15 -0.19 13.19
C VAL E 47 -39.33 0.04 11.93
N ALA E 48 -38.09 0.49 12.09
CA ALA E 48 -37.24 0.82 10.95
C ALA E 48 -35.79 0.67 11.35
N TYR E 49 -34.90 0.89 10.38
CA TYR E 49 -33.47 0.78 10.60
C TYR E 49 -32.74 1.68 9.61
N ILE E 50 -31.66 2.30 10.07
CA ILE E 50 -30.83 3.17 9.25
C ILE E 50 -29.37 2.90 9.57
N SER E 51 -28.54 2.81 8.54
CA SER E 51 -27.13 2.53 8.71
C SER E 51 -26.34 3.83 8.82
N SER E 52 -25.03 3.72 8.92
CA SER E 52 -24.17 4.90 9.02
C SER E 52 -24.14 5.63 7.69
N GLY E 53 -24.36 6.94 7.72
CA GLY E 53 -24.35 7.75 6.53
C GLY E 53 -25.60 7.66 5.69
N SER E 54 -26.68 7.08 6.20
CA SER E 54 -27.94 6.96 5.47
C SER E 54 -27.74 6.19 4.17
N GLY E 55 -26.88 5.17 4.21
CA GLY E 55 -26.59 4.38 3.04
C GLY E 55 -27.53 3.20 2.88
N THR E 56 -28.08 2.71 3.99
CA THR E 56 -28.99 1.57 4.00
C THR E 56 -30.14 1.88 4.94
N ILE E 57 -31.35 1.86 4.41
CA ILE E 57 -32.56 2.15 5.18
C ILE E 57 -33.58 1.05 4.90
N TYR E 58 -34.27 0.60 5.95
CA TYR E 58 -35.29 -0.42 5.83
C TYR E 58 -36.44 -0.09 6.77
N TYR E 59 -37.65 -0.48 6.36
CA TYR E 59 -38.86 -0.27 7.14
C TYR E 59 -39.63 -1.57 7.25
N ALA E 60 -40.43 -1.67 8.31
CA ALA E 60 -41.25 -2.85 8.51
C ALA E 60 -42.47 -2.82 7.58
N ASP E 61 -43.03 -4.01 7.34
CA ASP E 61 -44.18 -4.11 6.45
C ASP E 61 -45.38 -3.34 6.98
N THR E 62 -45.46 -3.15 8.30
CA THR E 62 -46.58 -2.45 8.90
C THR E 62 -46.43 -0.94 8.88
N VAL E 63 -45.23 -0.42 8.60
CA VAL E 63 -44.98 1.01 8.56
C VAL E 63 -44.34 1.47 7.28
N LYS E 64 -44.14 0.58 6.31
CA LYS E 64 -43.50 0.96 5.05
C LYS E 64 -44.38 1.94 4.28
N GLY E 65 -43.76 2.99 3.76
CA GLY E 65 -44.44 4.01 2.97
C GLY E 65 -44.94 5.19 3.77
N ARG E 66 -45.53 4.94 4.93
CA ARG E 66 -46.09 6.04 5.74
C ARG E 66 -45.00 6.75 6.53
N PHE E 67 -44.22 6.00 7.31
CA PHE E 67 -43.19 6.58 8.16
C PHE E 67 -41.84 6.60 7.43
N THR E 68 -41.06 7.64 7.69
CA THR E 68 -39.74 7.80 7.12
C THR E 68 -38.76 8.17 8.21
N ILE E 69 -37.54 7.62 8.13
CA ILE E 69 -36.50 7.84 9.13
C ILE E 69 -35.40 8.68 8.51
N SER E 70 -34.85 9.59 9.30
CA SER E 70 -33.76 10.45 8.86
C SER E 70 -32.88 10.78 10.06
N ARG E 71 -31.59 11.00 9.80
CA ARG E 71 -30.63 11.30 10.85
C ARG E 71 -29.81 12.52 10.45
N ASP E 72 -29.21 13.15 11.47
CA ASP E 72 -28.39 14.34 11.29
C ASP E 72 -27.08 14.11 12.04
N ASP E 73 -26.06 13.67 11.31
CA ASP E 73 -24.77 13.31 11.93
C ASP E 73 -24.05 14.56 12.44
N PRO E 74 -23.99 15.65 11.67
CA PRO E 74 -23.36 16.86 12.20
C PRO E 74 -23.95 17.32 13.53
N LYS E 75 -25.28 17.31 13.66
CA LYS E 75 -25.91 17.73 14.90
C LYS E 75 -26.05 16.59 15.91
N ASN E 76 -25.85 15.34 15.49
CA ASN E 76 -25.95 14.19 16.38
C ASN E 76 -27.35 14.07 16.97
N THR E 77 -28.32 13.92 16.07
CA THR E 77 -29.72 13.76 16.46
C THR E 77 -30.43 12.91 15.44
N LEU E 78 -31.46 12.20 15.89
CA LEU E 78 -32.24 11.29 15.05
C LEU E 78 -33.67 11.80 14.93
N PHE E 79 -34.20 11.76 13.71
CA PHE E 79 -35.56 12.20 13.42
C PHE E 79 -36.36 11.04 12.86
N LEU E 80 -37.67 11.06 13.13
CA LEU E 80 -38.60 10.04 12.64
C LEU E 80 -39.88 10.75 12.22
N GLN E 81 -39.98 11.07 10.93
CA GLN E 81 -41.17 11.73 10.38
C GLN E 81 -42.28 10.70 10.26
N MET E 82 -43.26 10.78 11.17
CA MET E 82 -44.37 9.84 11.21
C MET E 82 -45.59 10.52 10.62
N THR E 83 -45.97 10.11 9.41
CA THR E 83 -47.12 10.65 8.71
C THR E 83 -48.20 9.59 8.60
N SER E 84 -49.46 10.05 8.51
CA SER E 84 -50.61 9.16 8.39
C SER E 84 -50.68 8.18 9.56
N LEU E 85 -50.82 8.75 10.76
CA LEU E 85 -50.92 7.92 11.96
C LEU E 85 -52.24 7.19 12.01
N ARG E 86 -52.21 5.95 12.49
CA ARG E 86 -53.40 5.13 12.63
C ARG E 86 -53.73 4.93 14.10
N SER E 87 -54.95 4.43 14.36
CA SER E 87 -55.36 4.20 15.74
C SER E 87 -54.56 3.09 16.40
N GLU E 88 -54.05 2.15 15.61
CA GLU E 88 -53.27 1.04 16.14
C GLU E 88 -51.78 1.37 16.29
N ASP E 89 -51.34 2.55 15.84
CA ASP E 89 -49.95 2.93 15.93
C ASP E 89 -49.57 3.49 17.29
N THR E 90 -50.49 3.49 18.25
CA THR E 90 -50.20 4.01 19.59
C THR E 90 -49.25 3.06 20.31
N ALA E 91 -48.04 3.54 20.60
CA ALA E 91 -47.05 2.72 21.29
C ALA E 91 -45.88 3.61 21.69
N MET E 92 -45.09 3.12 22.64
CA MET E 92 -43.91 3.82 23.11
C MET E 92 -42.70 3.39 22.28
N TYR E 93 -42.07 4.34 21.62
CA TYR E 93 -40.95 4.08 20.71
C TYR E 93 -39.62 4.28 21.45
N TYR E 94 -38.70 3.35 21.25
CA TYR E 94 -37.37 3.41 21.85
C TYR E 94 -36.32 3.59 20.75
N CYS E 95 -35.36 4.46 21.00
CA CYS E 95 -34.23 4.68 20.10
C CYS E 95 -33.07 3.83 20.58
N VAL E 96 -32.52 3.00 19.69
CA VAL E 96 -31.48 2.05 20.03
C VAL E 96 -30.31 2.25 19.07
N ARG E 97 -29.10 2.27 19.62
CA ARG E 97 -27.89 2.34 18.80
C ARG E 97 -27.38 0.92 18.50
N SER E 98 -26.57 0.82 17.46
CA SER E 98 -26.00 -0.46 17.07
C SER E 98 -24.80 -0.23 16.18
N ILE E 99 -23.81 -1.12 16.29
CA ILE E 99 -22.63 -1.12 15.44
C ILE E 99 -22.37 -2.55 15.02
N TYR E 100 -21.92 -2.71 13.77
CA TYR E 100 -21.76 -4.02 13.15
C TYR E 100 -20.30 -4.24 12.79
N TYR E 101 -19.64 -5.14 13.50
CA TYR E 101 -18.29 -5.57 13.18
C TYR E 101 -18.02 -6.86 13.93
N TYR E 102 -16.89 -7.50 13.60
CA TYR E 102 -16.53 -8.76 14.24
C TYR E 102 -16.30 -8.53 15.73
N GLY E 103 -17.17 -9.10 16.56
CA GLY E 103 -17.09 -8.90 17.99
C GLY E 103 -17.98 -7.80 18.52
N SER E 104 -18.85 -7.23 17.68
CA SER E 104 -19.71 -6.14 18.11
C SER E 104 -20.83 -6.68 19.01
N SER E 105 -21.56 -5.75 19.62
CA SER E 105 -22.70 -6.06 20.48
C SER E 105 -23.84 -5.12 20.11
N PRO E 106 -24.53 -5.38 19.00
CA PRO E 106 -25.64 -4.51 18.61
C PRO E 106 -26.73 -4.46 19.66
N PHE E 107 -27.50 -3.38 19.64
CA PHE E 107 -28.59 -3.16 20.58
C PHE E 107 -28.08 -3.19 22.01
N ASP E 108 -26.93 -2.55 22.25
CA ASP E 108 -26.32 -2.58 23.57
C ASP E 108 -26.96 -1.56 24.52
N PHE E 109 -27.35 -0.40 24.00
CA PHE E 109 -27.92 0.67 24.82
C PHE E 109 -29.32 0.99 24.33
N TRP E 110 -30.27 1.06 25.27
CA TRP E 110 -31.65 1.38 24.98
C TRP E 110 -32.00 2.72 25.61
N GLY E 111 -32.58 3.62 24.82
CA GLY E 111 -32.96 4.93 25.31
C GLY E 111 -34.15 4.85 26.25
N GLN E 112 -34.48 6.01 26.83
CA GLN E 112 -35.61 6.08 27.74
C GLN E 112 -36.94 5.90 27.03
N GLY E 113 -37.00 6.26 25.74
CA GLY E 113 -38.21 6.10 24.97
C GLY E 113 -39.23 7.19 25.25
N THR E 114 -40.14 7.36 24.29
CA THR E 114 -41.22 8.34 24.39
C THR E 114 -42.54 7.70 24.00
N THR E 115 -43.61 8.14 24.63
CA THR E 115 -44.94 7.60 24.40
C THR E 115 -45.70 8.48 23.42
N LEU E 116 -46.44 7.85 22.52
CA LEU E 116 -47.25 8.53 21.52
C LEU E 116 -48.69 8.00 21.64
N THR E 117 -49.49 8.68 22.44
CA THR E 117 -50.88 8.27 22.68
C THR E 117 -51.74 8.80 21.54
N VAL E 118 -51.96 7.97 20.52
CA VAL E 118 -52.78 8.36 19.38
C VAL E 118 -54.24 8.32 19.80
N SER E 119 -54.97 9.41 19.53
CA SER E 119 -56.38 9.50 19.87
C SER E 119 -56.59 9.30 21.37
N ALA E 136 -39.92 -15.03 3.80
CA ALA E 136 -40.92 -15.06 4.85
C ALA E 136 -40.33 -14.54 6.16
N ASP E 137 -41.17 -13.87 6.95
CA ASP E 137 -40.72 -13.33 8.23
C ASP E 137 -40.55 -14.45 9.25
N ILE E 138 -39.47 -14.39 10.02
CA ILE E 138 -39.18 -15.39 11.05
C ILE E 138 -39.97 -14.98 12.29
N VAL E 139 -41.15 -15.56 12.45
CA VAL E 139 -42.01 -15.25 13.60
C VAL E 139 -41.47 -15.97 14.82
N MET E 140 -41.20 -15.21 15.88
CA MET E 140 -40.70 -15.78 17.13
C MET E 140 -41.87 -16.11 18.05
N THR E 141 -41.75 -17.21 18.78
CA THR E 141 -42.79 -17.67 19.69
C THR E 141 -42.15 -18.26 20.93
N GLN E 142 -42.77 -18.03 22.09
CA GLN E 142 -42.30 -18.55 23.37
C GLN E 142 -43.44 -19.30 24.02
N ALA E 143 -43.20 -20.58 24.34
CA ALA E 143 -44.24 -21.41 24.96
C ALA E 143 -44.54 -20.99 26.39
N THR E 144 -43.61 -20.30 27.05
CA THR E 144 -43.76 -19.88 28.44
C THR E 144 -43.96 -18.36 28.45
N SER E 145 -45.17 -17.92 28.80
CA SER E 145 -45.48 -16.49 28.87
C SER E 145 -45.27 -15.93 30.27
N SER E 146 -45.63 -16.69 31.30
CA SER E 146 -45.46 -16.26 32.69
C SER E 146 -45.02 -17.45 33.51
N VAL E 147 -43.87 -17.33 34.17
CA VAL E 147 -43.30 -18.41 34.98
C VAL E 147 -42.96 -17.87 36.35
N PRO E 148 -43.83 -18.00 37.34
CA PRO E 148 -43.50 -17.52 38.69
C PRO E 148 -42.41 -18.39 39.31
N VAL E 149 -41.33 -17.74 39.75
CA VAL E 149 -40.18 -18.41 40.33
C VAL E 149 -39.81 -17.74 41.63
N THR E 150 -39.12 -18.50 42.50
CA THR E 150 -38.66 -18.00 43.79
C THR E 150 -37.24 -17.47 43.69
N PRO E 151 -36.84 -16.55 44.57
CA PRO E 151 -35.48 -16.02 44.51
C PRO E 151 -34.45 -17.10 44.83
N GLY E 152 -33.34 -17.07 44.09
CA GLY E 152 -32.26 -18.03 44.27
C GLY E 152 -32.39 -19.28 43.44
N GLU E 153 -33.59 -19.61 42.98
CA GLU E 153 -33.80 -20.80 42.17
C GLU E 153 -33.34 -20.57 40.73
N SER E 154 -32.71 -21.58 40.15
CA SER E 154 -32.22 -21.48 38.78
C SER E 154 -33.40 -21.47 37.81
N VAL E 155 -33.55 -20.37 37.08
CA VAL E 155 -34.64 -20.20 36.12
C VAL E 155 -34.12 -20.55 34.73
N SER E 156 -34.94 -21.24 33.95
CA SER E 156 -34.59 -21.63 32.59
C SER E 156 -35.73 -21.23 31.66
N ILE E 157 -35.44 -20.34 30.72
CA ILE E 157 -36.41 -19.84 29.76
C ILE E 157 -36.08 -20.47 28.40
N SER E 158 -37.11 -20.99 27.74
CA SER E 158 -36.97 -21.64 26.45
C SER E 158 -37.56 -20.75 25.35
N CYS E 159 -36.98 -20.86 24.15
CA CYS E 159 -37.43 -20.11 23.00
C CYS E 159 -37.50 -21.03 21.79
N ARG E 160 -38.34 -20.67 20.83
CA ARG E 160 -38.54 -21.46 19.63
C ARG E 160 -38.63 -20.54 18.43
N SER E 161 -38.02 -20.95 17.32
CA SER E 161 -38.02 -20.19 16.09
C SER E 161 -38.52 -21.06 14.94
N SER E 162 -39.17 -20.42 13.97
CA SER E 162 -39.71 -21.14 12.83
C SER E 162 -38.65 -21.43 11.76
N LYS E 163 -37.58 -20.64 11.71
CA LYS E 163 -36.52 -20.83 10.74
C LYS E 163 -35.17 -20.92 11.46
N SER E 164 -34.29 -21.77 10.95
CA SER E 164 -32.98 -21.96 11.55
C SER E 164 -32.17 -20.67 11.43
N LEU E 165 -31.72 -20.14 12.57
CA LEU E 165 -30.94 -18.92 12.60
C LEU E 165 -29.44 -19.16 12.38
N LEU E 166 -29.03 -20.42 12.20
CA LEU E 166 -27.63 -20.74 11.98
C LEU E 166 -27.26 -20.42 10.54
N HIS E 167 -26.48 -19.36 10.34
CA HIS E 167 -26.05 -18.95 9.01
C HIS E 167 -24.88 -19.81 8.55
N SER E 168 -24.55 -19.68 7.26
CA SER E 168 -23.45 -20.46 6.70
C SER E 168 -22.14 -20.15 7.39
N ASN E 169 -21.99 -18.95 7.95
CA ASN E 169 -20.76 -18.59 8.65
C ASN E 169 -20.63 -19.25 10.01
N GLY E 170 -21.69 -19.87 10.52
CA GLY E 170 -21.65 -20.54 11.80
C GLY E 170 -22.08 -19.71 12.98
N ASN E 171 -22.43 -18.44 12.77
CA ASN E 171 -22.84 -17.55 13.84
C ASN E 171 -24.34 -17.68 14.09
N THR E 172 -24.73 -17.64 15.36
CA THR E 172 -26.13 -17.70 15.77
C THR E 172 -26.60 -16.30 16.08
N TYR E 173 -27.52 -15.78 15.26
CA TYR E 173 -28.01 -14.41 15.40
C TYR E 173 -29.25 -14.40 16.30
N LEU E 174 -29.01 -14.57 17.59
CA LEU E 174 -30.05 -14.54 18.61
C LEU E 174 -29.71 -13.45 19.62
N TYR E 175 -30.74 -12.68 20.00
CA TYR E 175 -30.58 -11.59 20.96
C TYR E 175 -31.61 -11.74 22.08
N TRP E 176 -31.16 -11.49 23.30
CA TRP E 176 -32.01 -11.54 24.48
C TRP E 176 -32.03 -10.18 25.14
N PHE E 177 -33.23 -9.71 25.48
CA PHE E 177 -33.40 -8.40 26.11
C PHE E 177 -34.22 -8.55 27.38
N LEU E 178 -33.83 -7.81 28.41
CA LEU E 178 -34.51 -7.82 29.71
C LEU E 178 -35.00 -6.41 30.01
N GLN E 179 -36.31 -6.24 30.07
CA GLN E 179 -36.93 -4.95 30.35
C GLN E 179 -37.55 -5.01 31.75
N ARG E 180 -36.89 -4.38 32.71
CA ARG E 180 -37.39 -4.37 34.07
C ARG E 180 -38.61 -3.43 34.18
N PRO E 181 -39.43 -3.60 35.20
CA PRO E 181 -40.59 -2.71 35.36
C PRO E 181 -40.16 -1.26 35.51
N GLY E 182 -40.56 -0.43 34.54
CA GLY E 182 -40.23 0.98 34.58
C GLY E 182 -38.85 1.32 34.06
N GLN E 183 -38.23 0.45 33.29
CA GLN E 183 -36.91 0.69 32.74
C GLN E 183 -36.84 0.17 31.31
N SER E 184 -35.85 0.66 30.57
CA SER E 184 -35.69 0.26 29.19
C SER E 184 -35.08 -1.14 29.10
N PRO E 185 -35.27 -1.83 27.98
CA PRO E 185 -34.68 -3.16 27.84
C PRO E 185 -33.16 -3.12 27.93
N GLN E 186 -32.59 -4.21 28.44
CA GLN E 186 -31.14 -4.34 28.59
C GLN E 186 -30.68 -5.60 27.86
N LEU E 187 -29.62 -5.46 27.08
CA LEU E 187 -29.10 -6.58 26.29
C LEU E 187 -28.30 -7.51 27.19
N LEU E 188 -28.68 -8.79 27.20
CA LEU E 188 -28.01 -9.82 27.97
C LEU E 188 -27.07 -10.65 27.10
N ILE E 189 -27.59 -11.24 26.03
CA ILE E 189 -26.82 -12.07 25.12
C ILE E 189 -27.08 -11.58 23.70
N TYR E 190 -26.02 -11.39 22.93
CA TYR E 190 -26.13 -10.94 21.55
C TYR E 190 -25.81 -12.01 20.53
N ARG E 191 -24.92 -12.95 20.85
CA ARG E 191 -24.60 -14.05 19.95
C ARG E 191 -24.15 -15.27 20.74
N SER E 193 -24.51 -17.16 23.28
CA SER E 193 -23.48 -17.71 24.14
C SER E 193 -22.55 -16.61 24.64
N ASN E 194 -22.28 -15.64 23.77
CA ASN E 194 -21.40 -14.54 24.14
C ASN E 194 -22.10 -13.60 25.12
N LEU E 195 -21.44 -13.31 26.23
CA LEU E 195 -22.00 -12.44 27.26
C LEU E 195 -21.70 -10.98 26.95
N ALA E 196 -22.70 -10.13 27.10
CA ALA E 196 -22.55 -8.72 26.83
C ALA E 196 -21.80 -8.04 27.98
N SER E 197 -21.29 -6.84 27.69
CA SER E 197 -20.56 -6.08 28.68
C SER E 197 -21.50 -5.54 29.76
N GLY E 198 -21.06 -5.63 31.01
CA GLY E 198 -21.83 -5.15 32.13
C GLY E 198 -22.82 -6.14 32.71
N VAL E 199 -23.15 -7.20 31.98
CA VAL E 199 -24.10 -8.20 32.47
C VAL E 199 -23.35 -9.22 33.32
N PRO E 200 -23.85 -9.57 34.50
CA PRO E 200 -23.15 -10.59 35.30
C PRO E 200 -23.03 -11.91 34.56
N ASP E 201 -22.10 -12.74 35.04
CA ASP E 201 -21.89 -14.06 34.45
C ASP E 201 -22.96 -15.06 34.81
N ARG E 202 -23.95 -14.67 35.62
CA ARG E 202 -25.02 -15.60 36.00
C ARG E 202 -25.84 -16.03 34.80
N PHE E 203 -25.98 -15.16 33.80
CA PHE E 203 -26.76 -15.50 32.62
C PHE E 203 -25.93 -16.31 31.63
N SER E 204 -26.58 -17.27 30.97
CA SER E 204 -25.91 -18.12 30.01
C SER E 204 -26.92 -18.56 28.96
N GLY E 205 -26.47 -18.65 27.71
CA GLY E 205 -27.34 -19.03 26.62
C GLY E 205 -26.70 -20.09 25.75
N SER E 206 -27.51 -21.09 25.37
CA SER E 206 -27.03 -22.17 24.53
C SER E 206 -28.22 -22.86 23.89
N GLY E 207 -28.01 -23.40 22.69
CA GLY E 207 -29.07 -24.08 21.98
C GLY E 207 -28.64 -24.42 20.58
N SER E 208 -29.54 -25.10 19.87
CA SER E 208 -29.29 -25.53 18.51
C SER E 208 -29.77 -24.44 17.54
N GLY E 209 -29.79 -24.76 16.24
CA GLY E 209 -30.21 -23.79 15.24
C GLY E 209 -31.67 -23.45 15.30
N THR E 210 -32.51 -24.32 15.88
CA THR E 210 -33.93 -24.09 15.98
C THR E 210 -34.45 -24.07 17.41
N ALA E 211 -33.69 -24.59 18.38
CA ALA E 211 -34.09 -24.59 19.78
C ALA E 211 -33.08 -23.78 20.58
N PHE E 212 -33.58 -22.87 21.40
CA PHE E 212 -32.74 -22.01 22.23
C PHE E 212 -33.25 -22.01 23.66
N THR E 213 -32.32 -21.92 24.61
CA THR E 213 -32.66 -21.96 26.03
C THR E 213 -31.80 -20.95 26.77
N LEU E 214 -32.44 -20.11 27.57
CA LEU E 214 -31.76 -19.12 28.42
C LEU E 214 -31.82 -19.62 29.86
N THR E 215 -30.68 -19.97 30.42
CA THR E 215 -30.58 -20.51 31.77
C THR E 215 -29.92 -19.48 32.68
N ILE E 216 -30.52 -19.26 33.85
CA ILE E 216 -29.99 -18.34 34.85
C ILE E 216 -29.35 -19.18 35.97
N SER E 217 -28.09 -18.87 36.29
CA SER E 217 -27.39 -19.62 37.33
C SER E 217 -28.06 -19.42 38.68
N ARG E 218 -28.39 -18.19 39.03
CA ARG E 218 -29.02 -17.90 40.32
C ARG E 218 -29.76 -16.56 40.19
N LEU E 219 -31.08 -16.60 40.32
CA LEU E 219 -31.88 -15.40 40.17
C LEU E 219 -31.76 -14.53 41.41
N GLU E 220 -31.84 -13.21 41.20
CA GLU E 220 -31.77 -12.22 42.27
C GLU E 220 -33.01 -11.35 42.23
N ALA E 221 -33.07 -10.38 43.16
CA ALA E 221 -34.22 -9.49 43.23
C ALA E 221 -34.25 -8.52 42.07
N GLU E 222 -33.09 -8.19 41.51
CA GLU E 222 -32.99 -7.24 40.40
C GLU E 222 -33.17 -7.90 39.03
N ASP E 223 -33.30 -9.23 38.99
CA ASP E 223 -33.47 -9.94 37.74
C ASP E 223 -34.93 -10.04 37.30
N VAL E 224 -35.86 -9.50 38.08
CA VAL E 224 -37.27 -9.57 37.71
C VAL E 224 -37.53 -8.69 36.49
N GLY E 225 -38.46 -9.13 35.66
CA GLY E 225 -38.81 -8.40 34.46
C GLY E 225 -39.31 -9.35 33.40
N VAL E 226 -39.36 -8.85 32.16
CA VAL E 226 -39.82 -9.62 31.01
C VAL E 226 -38.63 -9.82 30.08
N TYR E 227 -38.47 -11.04 29.57
CA TYR E 227 -37.39 -11.39 28.67
C TYR E 227 -37.93 -11.46 27.24
N TYR E 228 -37.37 -10.64 26.36
CA TYR E 228 -37.77 -10.58 24.96
C TYR E 228 -36.64 -11.14 24.10
N CYS E 229 -36.98 -12.04 23.19
CA CYS E 229 -36.03 -12.62 22.26
C CYS E 229 -36.17 -11.96 20.89
N MET E 230 -35.08 -11.97 20.12
CA MET E 230 -35.06 -11.35 18.80
C MET E 230 -34.06 -12.08 17.93
N GLN E 231 -34.36 -12.18 16.65
CA GLN E 231 -33.48 -12.77 15.66
C GLN E 231 -32.97 -11.68 14.71
N HIS E 232 -31.71 -11.83 14.28
CA HIS E 232 -31.08 -10.86 13.40
C HIS E 232 -30.53 -11.53 12.15
N LEU E 233 -31.21 -12.56 11.67
CA LEU E 233 -30.78 -13.23 10.44
C LEU E 233 -31.14 -12.40 9.20
N GLU E 234 -32.24 -11.66 9.25
CA GLU E 234 -32.67 -10.84 8.13
C GLU E 234 -33.06 -9.46 8.64
N TYR E 235 -33.20 -8.52 7.70
CA TYR E 235 -33.55 -7.15 8.07
C TYR E 235 -34.87 -7.05 8.81
N PRO E 236 -35.97 -7.70 8.39
CA PRO E 236 -37.23 -7.55 9.14
C PRO E 236 -37.18 -8.23 10.50
N LEU E 237 -36.53 -7.57 11.46
CA LEU E 237 -36.39 -8.13 12.80
C LEU E 237 -37.76 -8.36 13.42
N THR E 238 -37.93 -9.52 14.04
CA THR E 238 -39.18 -9.89 14.71
C THR E 238 -38.89 -10.27 16.15
N PHE E 239 -39.63 -9.70 17.08
CA PHE E 239 -39.46 -9.97 18.50
C PHE E 239 -40.36 -11.12 18.93
N GLY E 240 -40.23 -11.52 20.19
CA GLY E 240 -41.02 -12.60 20.75
C GLY E 240 -42.21 -12.09 21.55
N ALA E 241 -42.91 -13.04 22.19
CA ALA E 241 -44.07 -12.70 22.98
C ALA E 241 -43.70 -12.10 24.34
N GLY E 242 -42.56 -12.51 24.89
CA GLY E 242 -42.13 -12.00 26.18
C GLY E 242 -42.48 -12.91 27.33
N THR E 243 -41.48 -13.30 28.12
CA THR E 243 -41.65 -14.19 29.27
C THR E 243 -41.42 -13.37 30.53
N LYS E 244 -42.47 -13.21 31.33
CA LYS E 244 -42.40 -12.45 32.57
C LYS E 244 -42.20 -13.40 33.75
N LEU E 245 -41.35 -13.00 34.68
CA LEU E 245 -41.06 -13.77 35.89
C LEU E 245 -41.61 -13.04 37.10
N GLU E 246 -42.42 -13.75 37.89
CA GLU E 246 -43.03 -13.20 39.10
C GLU E 246 -42.22 -13.62 40.31
N LEU E 247 -41.91 -12.68 41.19
CA LEU E 247 -41.15 -12.96 42.39
C LEU E 247 -41.98 -13.74 43.40
N THR F 5 33.79 7.09 38.63
CA THR F 5 34.33 6.59 37.33
C THR F 5 33.40 5.56 36.70
N ALA F 6 33.04 5.79 35.44
CA ALA F 6 32.14 4.89 34.74
C ALA F 6 32.86 3.73 34.07
N SER F 7 34.14 3.90 33.74
CA SER F 7 34.88 2.83 33.07
C SER F 7 35.02 1.61 33.96
N ILE F 8 35.45 1.81 35.21
CA ILE F 8 35.61 0.69 36.13
C ILE F 8 34.26 0.04 36.43
N ALA F 9 33.21 0.86 36.52
CA ALA F 9 31.88 0.32 36.76
C ALA F 9 31.42 -0.57 35.60
N GLN F 10 31.61 -0.10 34.37
CA GLN F 10 31.23 -0.90 33.21
C GLN F 10 32.07 -2.18 33.15
N ALA F 11 33.36 -2.07 33.47
CA ALA F 11 34.21 -3.26 33.47
C ALA F 11 33.74 -4.29 34.48
N ARG F 12 33.42 -3.84 35.70
CA ARG F 12 32.93 -4.76 36.73
C ARG F 12 31.59 -5.36 36.33
N LYS F 13 30.72 -4.56 35.69
CA LYS F 13 29.44 -5.08 35.25
C LYS F 13 29.63 -6.17 34.19
N LEU F 14 30.51 -5.92 33.21
CA LEU F 14 30.77 -6.92 32.19
C LEU F 14 31.40 -8.17 32.79
N VAL F 15 32.26 -8.01 33.79
CA VAL F 15 32.88 -9.16 34.44
C VAL F 15 31.82 -9.99 35.16
N GLU F 16 30.94 -9.34 35.91
CA GLU F 16 29.90 -10.05 36.62
C GLU F 16 28.89 -10.70 35.67
N GLN F 17 28.69 -10.09 34.49
CA GLN F 17 27.74 -10.65 33.53
C GLN F 17 28.25 -11.98 32.97
N LEU F 18 29.56 -12.09 32.75
CA LEU F 18 30.11 -13.33 32.21
C LEU F 18 30.10 -14.45 33.23
N LYS F 19 30.20 -14.11 34.52
CA LYS F 19 30.17 -15.15 35.55
C LYS F 19 28.82 -15.83 35.60
N MET F 20 27.73 -15.07 35.48
CA MET F 20 26.40 -15.67 35.49
C MET F 20 26.15 -16.49 34.23
N GLU F 21 26.83 -16.15 33.13
CA GLU F 21 26.64 -16.89 31.89
C GLU F 21 27.49 -18.16 31.84
N ALA F 22 28.66 -18.14 32.49
CA ALA F 22 29.51 -19.33 32.49
C ALA F 22 28.94 -20.42 33.39
N ASN F 23 28.34 -20.02 34.51
CA ASN F 23 27.77 -20.98 35.46
C ASN F 23 26.33 -21.32 35.06
N ILE F 24 26.21 -21.93 33.88
CA ILE F 24 24.92 -22.33 33.33
C ILE F 24 25.04 -23.77 32.87
N ASP F 25 24.07 -24.60 33.27
CA ASP F 25 24.06 -26.01 32.89
C ASP F 25 23.75 -26.13 31.40
N ARG F 26 24.77 -26.43 30.61
CA ARG F 26 24.63 -26.57 29.16
C ARG F 26 24.62 -28.05 28.80
N ILE F 27 23.58 -28.48 28.11
CA ILE F 27 23.43 -29.87 27.72
C ILE F 27 24.08 -30.08 26.36
N LYS F 28 24.35 -31.35 26.03
CA LYS F 28 24.96 -31.68 24.75
C LYS F 28 24.03 -31.32 23.60
N VAL F 29 24.63 -31.13 22.42
CA VAL F 29 23.84 -30.76 21.24
C VAL F 29 23.02 -31.95 20.75
N SER F 30 23.50 -33.17 20.97
CA SER F 30 22.78 -34.34 20.48
C SER F 30 21.41 -34.46 21.14
N LYS F 31 21.36 -34.34 22.46
CA LYS F 31 20.09 -34.46 23.17
C LYS F 31 19.14 -33.33 22.81
N ALA F 32 19.67 -32.12 22.65
CA ALA F 32 18.82 -31.00 22.26
C ALA F 32 18.23 -31.21 20.86
N ALA F 33 19.06 -31.68 19.92
CA ALA F 33 18.55 -31.95 18.58
C ALA F 33 17.53 -33.07 18.59
N ALA F 34 17.75 -34.10 19.41
CA ALA F 34 16.77 -35.18 19.51
C ALA F 34 15.46 -34.68 20.07
N ASP F 35 15.51 -33.82 21.10
CA ASP F 35 14.29 -33.26 21.67
C ASP F 35 13.56 -32.39 20.65
N LEU F 36 14.30 -31.58 19.89
CA LEU F 36 13.67 -30.76 18.86
C LEU F 36 13.00 -31.61 17.80
N MET F 37 13.68 -32.69 17.36
CA MET F 37 13.09 -33.57 16.37
C MET F 37 11.84 -34.25 16.91
N ALA F 38 11.88 -34.68 18.17
CA ALA F 38 10.71 -35.31 18.76
C ALA F 38 9.54 -34.33 18.86
N TYR F 39 9.82 -33.08 19.24
CA TYR F 39 8.77 -32.08 19.30
C TYR F 39 8.19 -31.79 17.93
N CYS F 40 9.04 -31.73 16.91
CA CYS F 40 8.55 -31.47 15.55
C CYS F 40 7.71 -32.64 15.04
N GLU F 41 8.10 -33.87 15.38
CA GLU F 41 7.35 -35.03 14.93
C GLU F 41 6.04 -35.19 15.70
N ALA F 42 6.00 -34.74 16.96
CA ALA F 42 4.79 -34.87 17.75
C ALA F 42 3.67 -33.95 17.27
N HIS F 43 4.00 -32.90 16.50
CA HIS F 43 3.02 -31.96 15.99
C HIS F 43 3.07 -31.83 14.48
N ALA F 44 3.62 -32.84 13.79
CA ALA F 44 3.70 -32.78 12.33
C ALA F 44 2.31 -32.85 11.71
N LYS F 45 1.45 -33.71 12.25
CA LYS F 45 0.10 -33.85 11.69
C LYS F 45 -0.80 -32.67 12.04
N GLU F 46 -0.43 -31.88 13.06
CA GLU F 46 -1.21 -30.72 13.49
C GLU F 46 -0.65 -29.42 12.96
N ASP F 47 -0.07 -29.44 11.77
CA ASP F 47 0.52 -28.26 11.14
C ASP F 47 -0.06 -28.09 9.75
N PRO F 48 -1.03 -27.19 9.55
CA PRO F 48 -1.58 -27.01 8.19
C PRO F 48 -0.54 -26.63 7.16
N LEU F 49 0.57 -26.02 7.56
CA LEU F 49 1.61 -25.65 6.59
C LEU F 49 2.42 -26.87 6.15
N LEU F 50 2.82 -27.71 7.10
CA LEU F 50 3.58 -28.91 6.74
C LEU F 50 2.69 -29.91 6.00
N THR F 51 1.45 -30.06 6.43
CA THR F 51 0.51 -30.97 5.79
C THR F 51 -0.68 -30.17 5.27
N PRO F 52 -0.84 -30.03 3.95
CA PRO F 52 -1.97 -29.23 3.43
C PRO F 52 -3.29 -29.91 3.73
N VAL F 53 -4.14 -29.23 4.50
CA VAL F 53 -5.44 -29.77 4.88
C VAL F 53 -6.39 -29.61 3.70
N PRO F 54 -7.47 -30.39 3.64
CA PRO F 54 -8.42 -30.23 2.52
C PRO F 54 -9.03 -28.84 2.50
N ALA F 55 -9.73 -28.55 1.39
CA ALA F 55 -10.38 -27.26 1.23
C ALA F 55 -11.56 -27.06 2.18
N SER F 56 -12.04 -28.13 2.82
CA SER F 56 -13.17 -28.01 3.73
C SER F 56 -12.78 -27.40 5.08
N GLU F 57 -11.50 -27.38 5.42
CA GLU F 57 -11.03 -26.83 6.68
C GLU F 57 -10.45 -25.42 6.53
N ASN F 58 -10.14 -24.99 5.32
CA ASN F 58 -9.59 -23.66 5.10
C ASN F 58 -10.63 -22.59 5.34
#